data_1T13
#
_entry.id   1T13
#
_cell.length_a   126.321
_cell.length_b   126.321
_cell.length_c   165.669
_cell.angle_alpha   90.00
_cell.angle_beta   90.00
_cell.angle_gamma   120.00
#
_symmetry.space_group_name_H-M   'P 31 2 1'
#
loop_
_entity.id
_entity.type
_entity.pdbx_description
1 polymer '6,7-dimethyl-8-ribityllumazine synthase'
2 non-polymer 'PHOSPHATE ION'
3 non-polymer 5-NITRO-6-RIBITYL-AMINO-2,4(1H,3H)-PYRIMIDINEDIONE
4 water water
#
_entity_poly.entity_id   1
_entity_poly.type   'polypeptide(L)'
_entity_poly.pdbx_seq_one_letter_code
;MNQSCPNKTSFKIAFIQARWHADIVDEARKSFVAELAAKTGGSVEVEIFDVPGAYEIPLHAKTLARTGRYAAIVGAAFVI
DGGIYRHDFVATAVINGMMQVQLETEVPVLSVVLTPHHFHESKEHHDFFHAHFKVKGVEAAHAALQIVSERSRIAALV
;
_entity_poly.pdbx_strand_id   A,B,C,D,E
#
loop_
_chem_comp.id
_chem_comp.type
_chem_comp.name
_chem_comp.formula
INI non-polymer 5-NITRO-6-RIBITYL-AMINO-2,4(1H,3H)-PYRIMIDINEDIONE 'C9 H14 N4 O8'
PO4 non-polymer 'PHOSPHATE ION' 'O4 P -3'
#
# COMPACT_ATOMS: atom_id res chain seq x y z
N LYS A 8 -17.43 -5.57 -29.10
CA LYS A 8 -18.90 -5.85 -29.28
C LYS A 8 -19.73 -5.35 -28.10
N THR A 9 -20.96 -4.96 -28.42
CA THR A 9 -21.91 -4.45 -27.42
C THR A 9 -22.37 -5.55 -26.48
N SER A 10 -22.35 -6.80 -26.93
CA SER A 10 -22.81 -7.88 -26.08
C SER A 10 -21.69 -8.49 -25.22
N PHE A 11 -21.90 -8.50 -23.90
CA PHE A 11 -20.93 -9.05 -22.96
C PHE A 11 -21.53 -9.11 -21.55
N LYS A 12 -20.80 -9.73 -20.62
CA LYS A 12 -21.28 -9.84 -19.24
C LYS A 12 -20.50 -9.03 -18.19
N ILE A 13 -21.22 -8.65 -17.14
CA ILE A 13 -20.64 -7.90 -16.03
C ILE A 13 -21.00 -8.57 -14.72
N ALA A 14 -19.99 -8.88 -13.92
CA ALA A 14 -20.23 -9.51 -12.63
C ALA A 14 -20.31 -8.38 -11.62
N PHE A 15 -21.50 -8.17 -11.09
CA PHE A 15 -21.74 -7.11 -10.11
C PHE A 15 -21.67 -7.69 -8.70
N ILE A 16 -20.52 -7.52 -8.06
CA ILE A 16 -20.31 -8.02 -6.70
C ILE A 16 -20.75 -6.98 -5.68
N GLN A 17 -21.78 -7.30 -4.91
CA GLN A 17 -22.30 -6.37 -3.92
C GLN A 17 -22.19 -6.83 -2.47
N ALA A 18 -21.54 -6.01 -1.66
CA ALA A 18 -21.39 -6.27 -0.24
C ALA A 18 -22.79 -6.16 0.38
N ARG A 19 -23.00 -6.85 1.49
CA ARG A 19 -24.32 -6.80 2.10
C ARG A 19 -24.46 -5.88 3.30
N TRP A 20 -23.38 -5.19 3.67
CA TRP A 20 -23.47 -4.23 4.76
C TRP A 20 -24.24 -3.06 4.16
N HIS A 21 -25.18 -2.49 4.90
CA HIS A 21 -25.94 -1.37 4.37
C HIS A 21 -26.56 -1.82 3.04
N ALA A 22 -26.95 -3.08 2.99
CA ALA A 22 -27.54 -3.67 1.80
C ALA A 22 -28.62 -2.76 1.23
N ASP A 23 -29.35 -2.09 2.10
CA ASP A 23 -30.40 -1.21 1.65
C ASP A 23 -29.85 -0.15 0.70
N ILE A 24 -28.76 0.49 1.09
CA ILE A 24 -28.16 1.53 0.27
C ILE A 24 -27.39 0.94 -0.89
N VAL A 25 -26.66 -0.14 -0.65
CA VAL A 25 -25.90 -0.74 -1.73
C VAL A 25 -26.85 -1.18 -2.84
N ASP A 26 -27.95 -1.83 -2.45
CA ASP A 26 -28.94 -2.30 -3.39
C ASP A 26 -29.32 -1.24 -4.42
N GLU A 27 -29.48 -0.02 -3.97
CA GLU A 27 -29.87 1.06 -4.87
C GLU A 27 -28.88 1.24 -6.01
N ALA A 28 -27.60 1.11 -5.71
CA ALA A 28 -26.57 1.24 -6.74
C ALA A 28 -26.77 0.12 -7.75
N ARG A 29 -27.03 -1.08 -7.25
CA ARG A 29 -27.25 -2.22 -8.13
C ARG A 29 -28.48 -1.99 -9.00
N LYS A 30 -29.63 -1.80 -8.35
CA LYS A 30 -30.86 -1.59 -9.08
C LYS A 30 -30.61 -0.55 -10.17
N SER A 31 -30.03 0.57 -9.77
CA SER A 31 -29.72 1.64 -10.72
C SER A 31 -28.77 1.15 -11.81
N PHE A 32 -27.65 0.56 -11.41
CA PHE A 32 -26.67 0.07 -12.36
C PHE A 32 -27.33 -0.79 -13.43
N VAL A 33 -28.04 -1.82 -12.99
CA VAL A 33 -28.71 -2.71 -13.93
C VAL A 33 -29.69 -2.00 -14.83
N ALA A 34 -30.54 -1.18 -14.22
CA ALA A 34 -31.52 -0.43 -14.99
C ALA A 34 -30.85 0.38 -16.08
N GLU A 35 -29.75 1.05 -15.77
CA GLU A 35 -29.06 1.87 -16.76
C GLU A 35 -28.58 1.07 -17.95
N LEU A 36 -27.96 -0.07 -17.69
CA LEU A 36 -27.47 -0.91 -18.77
C LEU A 36 -28.64 -1.40 -19.61
N ALA A 37 -29.68 -1.91 -18.96
CA ALA A 37 -30.86 -2.37 -19.67
C ALA A 37 -31.38 -1.24 -20.55
N ALA A 38 -31.33 -0.02 -20.04
CA ALA A 38 -31.82 1.15 -20.76
C ALA A 38 -30.89 1.58 -21.88
N LYS A 39 -29.64 1.14 -21.81
CA LYS A 39 -28.66 1.51 -22.81
C LYS A 39 -28.34 0.36 -23.75
N THR A 40 -27.91 -0.76 -23.17
CA THR A 40 -27.55 -1.93 -23.94
C THR A 40 -28.80 -2.66 -24.41
N GLY A 41 -29.89 -2.47 -23.68
CA GLY A 41 -31.13 -3.14 -24.04
C GLY A 41 -30.98 -4.62 -23.81
N GLY A 42 -30.46 -5.01 -22.65
CA GLY A 42 -30.29 -6.42 -22.35
C GLY A 42 -29.04 -6.99 -23.02
N SER A 43 -28.49 -6.22 -23.95
CA SER A 43 -27.28 -6.62 -24.67
C SER A 43 -26.18 -7.00 -23.69
N VAL A 44 -26.13 -6.29 -22.57
CA VAL A 44 -25.14 -6.55 -21.53
C VAL A 44 -25.82 -7.23 -20.36
N GLU A 45 -25.34 -8.41 -20.00
CA GLU A 45 -25.89 -9.16 -18.87
C GLU A 45 -25.16 -8.76 -17.59
N VAL A 46 -25.91 -8.59 -16.51
CA VAL A 46 -25.28 -8.24 -15.25
C VAL A 46 -25.63 -9.33 -14.25
N GLU A 47 -24.65 -10.16 -13.92
CA GLU A 47 -24.88 -11.21 -12.96
C GLU A 47 -24.59 -10.64 -11.58
N ILE A 48 -25.47 -10.87 -10.63
CA ILE A 48 -25.28 -10.34 -9.29
C ILE A 48 -24.76 -11.36 -8.28
N PHE A 49 -23.71 -10.98 -7.56
CA PHE A 49 -23.16 -11.87 -6.54
C PHE A 49 -23.13 -11.16 -5.19
N ASP A 50 -23.74 -11.79 -4.18
CA ASP A 50 -23.78 -11.22 -2.85
C ASP A 50 -22.54 -11.58 -2.07
N VAL A 51 -22.05 -10.65 -1.28
CA VAL A 51 -20.89 -10.87 -0.46
C VAL A 51 -21.15 -10.26 0.91
N PRO A 52 -20.64 -10.90 1.97
CA PRO A 52 -20.85 -10.39 3.33
C PRO A 52 -20.55 -8.89 3.43
N GLY A 53 -19.27 -8.54 3.36
CA GLY A 53 -18.85 -7.16 3.45
C GLY A 53 -17.85 -6.79 2.37
N ALA A 54 -17.54 -5.51 2.25
CA ALA A 54 -16.61 -5.02 1.24
C ALA A 54 -15.32 -5.81 1.20
N TYR A 55 -14.79 -6.19 2.36
CA TYR A 55 -13.54 -6.92 2.41
C TYR A 55 -13.60 -8.17 1.55
N GLU A 56 -14.79 -8.77 1.47
CA GLU A 56 -14.98 -9.99 0.68
C GLU A 56 -15.20 -9.74 -0.80
N ILE A 57 -14.94 -8.52 -1.28
CA ILE A 57 -15.12 -8.22 -2.70
C ILE A 57 -13.92 -8.56 -3.56
N PRO A 58 -12.71 -8.13 -3.15
CA PRO A 58 -11.50 -8.40 -3.94
C PRO A 58 -11.34 -9.83 -4.44
N LEU A 59 -11.27 -10.78 -3.53
CA LEU A 59 -11.10 -12.17 -3.92
C LEU A 59 -12.24 -12.67 -4.82
N HIS A 60 -13.48 -12.30 -4.48
CA HIS A 60 -14.61 -12.72 -5.29
C HIS A 60 -14.43 -12.18 -6.70
N ALA A 61 -14.06 -10.90 -6.78
CA ALA A 61 -13.86 -10.27 -8.07
C ALA A 61 -12.74 -10.98 -8.81
N LYS A 62 -11.71 -11.39 -8.08
CA LYS A 62 -10.60 -12.10 -8.72
C LYS A 62 -11.06 -13.42 -9.27
N THR A 63 -11.70 -14.22 -8.43
CA THR A 63 -12.20 -15.51 -8.85
C THR A 63 -13.12 -15.39 -10.06
N LEU A 64 -14.03 -14.42 -10.00
CA LEU A 64 -14.97 -14.19 -11.09
C LEU A 64 -14.25 -13.66 -12.32
N ALA A 65 -13.23 -12.84 -12.09
CA ALA A 65 -12.48 -12.30 -13.21
C ALA A 65 -11.82 -13.45 -13.96
N ARG A 66 -11.15 -14.32 -13.22
CA ARG A 66 -10.45 -15.42 -13.83
C ARG A 66 -11.32 -16.39 -14.61
N THR A 67 -12.62 -16.33 -14.40
CA THR A 67 -13.52 -17.20 -15.13
C THR A 67 -13.56 -16.78 -16.59
N GLY A 68 -13.17 -15.54 -16.86
CA GLY A 68 -13.18 -15.05 -18.22
C GLY A 68 -14.59 -14.84 -18.76
N ARG A 69 -15.59 -15.06 -17.92
CA ARG A 69 -16.96 -14.87 -18.37
C ARG A 69 -17.40 -13.41 -18.39
N TYR A 70 -16.61 -12.51 -17.79
CA TYR A 70 -17.02 -11.12 -17.72
C TYR A 70 -16.10 -10.10 -18.32
N ALA A 71 -16.70 -9.13 -18.99
CA ALA A 71 -15.96 -8.06 -19.63
C ALA A 71 -15.54 -7.06 -18.57
N ALA A 72 -16.23 -7.13 -17.43
CA ALA A 72 -15.94 -6.23 -16.33
C ALA A 72 -16.58 -6.69 -15.04
N ILE A 73 -15.93 -6.36 -13.92
CA ILE A 73 -16.45 -6.70 -12.61
C ILE A 73 -16.77 -5.37 -11.95
N VAL A 74 -17.73 -5.42 -11.03
CA VAL A 74 -18.14 -4.23 -10.31
C VAL A 74 -18.28 -4.53 -8.83
N GLY A 75 -17.53 -3.79 -8.03
CA GLY A 75 -17.56 -3.93 -6.58
C GLY A 75 -18.42 -2.82 -6.01
N ALA A 76 -19.47 -3.21 -5.30
CA ALA A 76 -20.39 -2.25 -4.70
C ALA A 76 -20.45 -2.47 -3.18
N ALA A 77 -20.22 -1.39 -2.45
CA ALA A 77 -20.25 -1.47 -1.00
C ALA A 77 -20.24 -0.10 -0.37
N PHE A 78 -20.75 -0.04 0.85
CA PHE A 78 -20.79 1.20 1.60
C PHE A 78 -19.86 0.96 2.79
N VAL A 79 -18.66 1.52 2.73
CA VAL A 79 -17.70 1.37 3.80
C VAL A 79 -17.68 2.66 4.60
N ILE A 80 -18.52 2.68 5.64
CA ILE A 80 -18.66 3.85 6.47
C ILE A 80 -18.12 3.70 7.88
N ASP A 81 -17.72 4.85 8.42
CA ASP A 81 -17.19 4.97 9.77
C ASP A 81 -18.40 4.88 10.70
N GLY A 82 -18.44 3.86 11.55
CA GLY A 82 -19.58 3.71 12.44
C GLY A 82 -19.40 4.28 13.82
N GLY A 83 -18.33 5.05 14.02
CA GLY A 83 -18.08 5.65 15.31
C GLY A 83 -17.57 4.68 16.37
N ILE A 84 -17.13 3.51 15.95
CA ILE A 84 -16.59 2.54 16.89
C ILE A 84 -15.19 2.13 16.42
N TYR A 85 -15.11 1.57 15.22
CA TYR A 85 -13.81 1.18 14.71
C TYR A 85 -13.43 2.04 13.52
N ARG A 86 -12.15 2.02 13.16
CA ARG A 86 -11.73 2.77 12.01
C ARG A 86 -12.08 1.94 10.78
N HIS A 87 -12.80 2.56 9.84
CA HIS A 87 -13.25 1.90 8.62
C HIS A 87 -12.24 2.01 7.48
N ASP A 88 -11.42 3.05 7.52
CA ASP A 88 -10.44 3.29 6.47
C ASP A 88 -9.52 2.10 6.18
N PHE A 89 -9.10 1.39 7.21
CA PHE A 89 -8.22 0.23 7.00
C PHE A 89 -8.79 -0.76 5.99
N VAL A 90 -10.06 -1.13 6.17
CA VAL A 90 -10.70 -2.06 5.25
C VAL A 90 -10.95 -1.37 3.93
N ALA A 91 -11.58 -0.20 3.98
CA ALA A 91 -11.88 0.55 2.78
C ALA A 91 -10.64 0.50 1.89
N THR A 92 -9.50 0.91 2.45
CA THR A 92 -8.27 0.90 1.70
C THR A 92 -7.94 -0.46 1.09
N ALA A 93 -7.93 -1.48 1.93
CA ALA A 93 -7.64 -2.84 1.47
C ALA A 93 -8.53 -3.22 0.29
N VAL A 94 -9.80 -2.83 0.37
CA VAL A 94 -10.76 -3.14 -0.66
C VAL A 94 -10.52 -2.32 -1.93
N ILE A 95 -10.38 -1.01 -1.78
CA ILE A 95 -10.15 -0.17 -2.96
C ILE A 95 -8.83 -0.57 -3.62
N ASN A 96 -7.88 -0.99 -2.81
CA ASN A 96 -6.59 -1.41 -3.32
C ASN A 96 -6.75 -2.82 -3.91
N GLY A 97 -7.50 -3.65 -3.20
CA GLY A 97 -7.71 -5.02 -3.63
C GLY A 97 -8.30 -5.09 -5.02
N MET A 98 -9.37 -4.34 -5.26
CA MET A 98 -9.99 -4.37 -6.56
C MET A 98 -9.00 -3.90 -7.59
N MET A 99 -8.28 -2.82 -7.27
CA MET A 99 -7.29 -2.27 -8.20
C MET A 99 -6.26 -3.33 -8.56
N GLN A 100 -5.88 -4.13 -7.58
CA GLN A 100 -4.89 -5.17 -7.78
C GLN A 100 -5.45 -6.31 -8.60
N VAL A 101 -6.62 -6.79 -8.20
CA VAL A 101 -7.22 -7.90 -8.92
C VAL A 101 -7.35 -7.51 -10.39
N GLN A 102 -7.91 -6.34 -10.66
CA GLN A 102 -8.08 -5.94 -12.04
C GLN A 102 -6.73 -5.84 -12.73
N LEU A 103 -5.73 -5.34 -12.02
CA LEU A 103 -4.41 -5.21 -12.61
C LEU A 103 -3.79 -6.56 -12.97
N GLU A 104 -3.94 -7.55 -12.11
CA GLU A 104 -3.36 -8.82 -12.47
C GLU A 104 -4.24 -9.61 -13.42
N THR A 105 -5.55 -9.53 -13.27
CA THR A 105 -6.43 -10.29 -14.16
C THR A 105 -6.75 -9.58 -15.46
N GLU A 106 -6.19 -8.40 -15.67
CA GLU A 106 -6.45 -7.63 -16.90
C GLU A 106 -7.96 -7.49 -17.16
N VAL A 107 -8.77 -7.68 -16.14
CA VAL A 107 -10.22 -7.53 -16.27
C VAL A 107 -10.62 -6.27 -15.52
N PRO A 108 -11.37 -5.39 -16.18
CA PRO A 108 -11.79 -4.14 -15.51
C PRO A 108 -12.65 -4.39 -14.28
N VAL A 109 -12.33 -3.67 -13.20
CA VAL A 109 -13.09 -3.75 -11.96
C VAL A 109 -13.45 -2.33 -11.57
N LEU A 110 -14.73 -1.99 -11.70
CA LEU A 110 -15.18 -0.65 -11.37
C LEU A 110 -15.62 -0.56 -9.92
N SER A 111 -15.14 0.49 -9.23
CA SER A 111 -15.46 0.69 -7.83
C SER A 111 -16.73 1.47 -7.53
N VAL A 112 -17.61 0.85 -6.76
CA VAL A 112 -18.83 1.50 -6.34
C VAL A 112 -18.82 1.22 -4.85
N VAL A 113 -17.59 1.07 -4.36
CA VAL A 113 -17.31 0.86 -2.96
C VAL A 113 -17.08 2.28 -2.43
N LEU A 114 -18.17 2.90 -2.02
CA LEU A 114 -18.15 4.28 -1.53
C LEU A 114 -17.96 4.44 -0.02
N THR A 115 -17.17 5.44 0.34
CA THR A 115 -16.90 5.74 1.74
C THR A 115 -17.16 7.22 1.99
N PRO A 116 -18.27 7.53 2.66
CA PRO A 116 -18.71 8.88 3.00
C PRO A 116 -17.80 9.55 4.04
N HIS A 117 -17.81 10.87 4.07
CA HIS A 117 -17.03 11.55 5.09
C HIS A 117 -17.82 11.26 6.34
N HIS A 118 -19.14 11.41 6.22
CA HIS A 118 -20.05 11.20 7.34
C HIS A 118 -21.30 10.37 7.03
N PHE A 119 -21.56 9.41 7.91
CA PHE A 119 -22.75 8.57 7.80
C PHE A 119 -23.07 8.01 9.18
N HIS A 120 -23.99 8.68 9.86
CA HIS A 120 -24.37 8.31 11.20
C HIS A 120 -25.69 7.60 11.27
N GLU A 121 -26.06 6.91 10.21
CA GLU A 121 -27.32 6.19 10.19
C GLU A 121 -28.42 6.98 10.89
N SER A 122 -28.81 8.07 10.25
CA SER A 122 -29.86 8.95 10.70
C SER A 122 -30.74 9.08 9.47
N LYS A 123 -32.01 9.39 9.65
CA LYS A 123 -32.90 9.53 8.51
C LYS A 123 -32.20 10.23 7.36
N GLU A 124 -31.78 11.48 7.57
CA GLU A 124 -31.13 12.26 6.51
C GLU A 124 -30.01 11.49 5.82
N HIS A 125 -29.07 10.98 6.59
CA HIS A 125 -27.95 10.23 6.03
C HIS A 125 -28.39 9.05 5.18
N HIS A 126 -29.24 8.21 5.75
CA HIS A 126 -29.71 7.06 5.03
C HIS A 126 -30.38 7.53 3.74
N ASP A 127 -31.37 8.39 3.90
CA ASP A 127 -32.10 8.92 2.77
C ASP A 127 -31.17 9.51 1.72
N PHE A 128 -30.26 10.36 2.15
CA PHE A 128 -29.34 10.98 1.21
C PHE A 128 -28.61 9.95 0.37
N PHE A 129 -27.88 9.05 1.02
CA PHE A 129 -27.15 8.07 0.27
C PHE A 129 -28.02 7.07 -0.43
N HIS A 130 -29.16 6.72 0.17
CA HIS A 130 -30.04 5.77 -0.47
C HIS A 130 -30.35 6.31 -1.87
N ALA A 131 -30.54 7.62 -1.93
CA ALA A 131 -30.83 8.26 -3.19
C ALA A 131 -29.54 8.39 -4.01
N HIS A 132 -28.48 8.88 -3.38
CA HIS A 132 -27.26 9.06 -4.13
C HIS A 132 -26.71 7.82 -4.81
N PHE A 133 -26.71 6.69 -4.10
CA PHE A 133 -26.20 5.47 -4.70
C PHE A 133 -26.83 5.20 -6.06
N LYS A 134 -28.05 5.66 -6.25
CA LYS A 134 -28.72 5.48 -7.52
C LYS A 134 -27.88 6.20 -8.55
N VAL A 135 -27.47 7.41 -8.22
CA VAL A 135 -26.65 8.15 -9.13
C VAL A 135 -25.35 7.43 -9.42
N LYS A 136 -24.65 7.02 -8.36
CA LYS A 136 -23.38 6.34 -8.54
C LYS A 136 -23.55 5.11 -9.43
N GLY A 137 -24.67 4.40 -9.22
CA GLY A 137 -24.96 3.21 -9.99
C GLY A 137 -24.99 3.53 -11.47
N VAL A 138 -25.66 4.63 -11.80
CA VAL A 138 -25.74 5.07 -13.19
C VAL A 138 -24.33 5.33 -13.67
N GLU A 139 -23.60 6.14 -12.91
CA GLU A 139 -22.24 6.44 -13.30
C GLU A 139 -21.48 5.15 -13.57
N ALA A 140 -21.63 4.18 -12.68
CA ALA A 140 -20.95 2.90 -12.82
C ALA A 140 -21.28 2.26 -14.17
N ALA A 141 -22.58 2.17 -14.48
CA ALA A 141 -23.02 1.58 -15.73
C ALA A 141 -22.31 2.26 -16.91
N HIS A 142 -22.31 3.58 -16.91
CA HIS A 142 -21.66 4.30 -17.98
C HIS A 142 -20.18 4.01 -18.01
N ALA A 143 -19.54 4.00 -16.85
CA ALA A 143 -18.11 3.72 -16.79
C ALA A 143 -17.84 2.34 -17.38
N ALA A 144 -18.62 1.36 -16.95
CA ALA A 144 -18.49 -0.01 -17.42
C ALA A 144 -18.55 -0.06 -18.94
N LEU A 145 -19.60 0.52 -19.51
CA LEU A 145 -19.74 0.54 -20.95
C LEU A 145 -18.54 1.26 -21.55
N GLN A 146 -18.29 2.47 -21.08
CA GLN A 146 -17.17 3.26 -21.58
C GLN A 146 -15.87 2.45 -21.61
N ILE A 147 -15.47 1.92 -20.46
CA ILE A 147 -14.21 1.18 -20.38
C ILE A 147 -14.18 -0.11 -21.18
N VAL A 148 -15.24 -0.91 -21.11
CA VAL A 148 -15.27 -2.17 -21.85
C VAL A 148 -15.13 -1.87 -23.33
N SER A 149 -15.75 -0.78 -23.74
CA SER A 149 -15.72 -0.32 -25.13
C SER A 149 -14.34 0.16 -25.51
N GLU A 150 -13.87 1.17 -24.80
CA GLU A 150 -12.55 1.73 -25.06
C GLU A 150 -11.51 0.65 -25.19
N ARG A 151 -11.61 -0.40 -24.39
CA ARG A 151 -10.64 -1.48 -24.44
C ARG A 151 -10.77 -2.30 -25.71
N SER A 152 -11.99 -2.43 -26.21
CA SER A 152 -12.24 -3.18 -27.44
C SER A 152 -11.74 -2.45 -28.66
N ARG A 153 -11.47 -1.17 -28.52
CA ARG A 153 -10.99 -0.38 -29.62
C ARG A 153 -9.50 -0.10 -29.50
N ILE A 154 -8.84 -0.76 -28.55
CA ILE A 154 -7.42 -0.52 -28.36
C ILE A 154 -6.52 -1.26 -29.33
N ALA A 155 -5.61 -0.51 -29.96
CA ALA A 155 -4.66 -1.10 -30.91
C ALA A 155 -3.63 -1.88 -30.10
N ALA A 156 -3.91 -3.17 -29.88
CA ALA A 156 -3.03 -4.04 -29.08
C ALA A 156 -1.65 -4.33 -29.66
N LEU A 157 -1.44 -3.93 -30.93
CA LEU A 157 -0.17 -4.16 -31.64
C LEU A 157 0.66 -5.31 -31.11
N SER B 10 11.72 10.52 -31.98
CA SER B 10 10.42 10.15 -32.62
C SER B 10 9.78 8.89 -32.03
N PHE B 11 8.88 9.07 -31.06
CA PHE B 11 8.21 7.94 -30.41
C PHE B 11 6.74 8.21 -30.07
N LYS B 12 6.03 7.17 -29.64
CA LYS B 12 4.62 7.26 -29.27
C LYS B 12 4.36 7.41 -27.77
N ILE B 13 3.40 8.25 -27.43
CA ILE B 13 3.04 8.44 -26.02
C ILE B 13 1.54 8.23 -25.89
N ALA B 14 1.15 7.39 -24.94
CA ALA B 14 -0.26 7.12 -24.70
C ALA B 14 -0.71 8.03 -23.56
N PHE B 15 -1.62 8.95 -23.87
CA PHE B 15 -2.10 9.87 -22.86
C PHE B 15 -3.49 9.44 -22.41
N ILE B 16 -3.56 8.86 -21.21
CA ILE B 16 -4.84 8.41 -20.69
C ILE B 16 -5.46 9.56 -19.91
N GLN B 17 -6.66 9.98 -20.31
CA GLN B 17 -7.31 11.07 -19.61
C GLN B 17 -8.65 10.66 -19.01
N ALA B 18 -8.79 10.86 -17.71
CA ALA B 18 -10.02 10.51 -17.04
C ALA B 18 -11.04 11.52 -17.50
N ARG B 19 -12.31 11.19 -17.42
CA ARG B 19 -13.33 12.11 -17.87
C ARG B 19 -13.98 12.94 -16.75
N TRP B 20 -13.78 12.55 -15.50
CA TRP B 20 -14.31 13.34 -14.41
C TRP B 20 -13.61 14.68 -14.48
N HIS B 21 -14.35 15.77 -14.51
CA HIS B 21 -13.73 17.08 -14.58
C HIS B 21 -12.93 17.21 -15.86
N ALA B 22 -13.49 16.65 -16.94
CA ALA B 22 -12.84 16.68 -18.25
C ALA B 22 -12.40 18.11 -18.59
N ASP B 23 -13.32 19.05 -18.45
CA ASP B 23 -13.05 20.46 -18.70
C ASP B 23 -11.66 20.84 -18.18
N ILE B 24 -11.30 20.26 -17.03
CA ILE B 24 -10.01 20.54 -16.42
C ILE B 24 -8.93 19.56 -16.86
N VAL B 25 -9.28 18.29 -16.92
CA VAL B 25 -8.35 17.27 -17.36
C VAL B 25 -7.90 17.65 -18.79
N ASP B 26 -8.87 17.84 -19.67
CA ASP B 26 -8.58 18.21 -21.06
C ASP B 26 -7.50 19.26 -21.10
N GLU B 27 -7.64 20.27 -20.25
CA GLU B 27 -6.69 21.36 -20.20
C GLU B 27 -5.26 20.90 -20.06
N ALA B 28 -5.02 19.91 -19.22
CA ALA B 28 -3.67 19.40 -19.05
C ALA B 28 -3.23 18.62 -20.28
N ARG B 29 -4.18 17.92 -20.90
CA ARG B 29 -3.88 17.13 -22.07
C ARG B 29 -3.61 18.00 -23.29
N LYS B 30 -4.39 19.06 -23.43
CA LYS B 30 -4.18 19.94 -24.56
C LYS B 30 -2.79 20.55 -24.51
N SER B 31 -2.39 21.06 -23.34
CA SER B 31 -1.09 21.70 -23.21
C SER B 31 0.04 20.71 -23.40
N PHE B 32 -0.22 19.44 -23.09
CA PHE B 32 0.77 18.38 -23.25
C PHE B 32 0.98 18.25 -24.76
N VAL B 33 -0.09 17.91 -25.45
CA VAL B 33 -0.07 17.77 -26.90
C VAL B 33 0.57 18.99 -27.54
N ALA B 34 0.12 20.17 -27.14
CA ALA B 34 0.68 21.40 -27.67
C ALA B 34 2.19 21.45 -27.48
N GLU B 35 2.65 21.25 -26.25
CA GLU B 35 4.10 21.29 -25.98
C GLU B 35 4.91 20.30 -26.79
N LEU B 36 4.52 19.03 -26.76
CA LEU B 36 5.24 18.04 -27.51
C LEU B 36 5.27 18.41 -28.97
N ALA B 37 4.12 18.82 -29.49
CA ALA B 37 4.02 19.23 -30.89
C ALA B 37 5.03 20.35 -31.10
N ALA B 38 5.11 21.26 -30.15
CA ALA B 38 6.02 22.38 -30.24
C ALA B 38 7.47 21.94 -30.11
N LYS B 39 7.80 21.25 -29.03
CA LYS B 39 9.16 20.81 -28.80
C LYS B 39 9.65 19.71 -29.73
N THR B 40 8.78 18.83 -30.17
CA THR B 40 9.21 17.77 -31.06
C THR B 40 8.69 17.96 -32.47
N GLY B 41 8.16 19.16 -32.74
CA GLY B 41 7.63 19.44 -34.06
C GLY B 41 6.80 18.34 -34.69
N GLY B 42 6.06 17.59 -33.88
CA GLY B 42 5.24 16.51 -34.43
C GLY B 42 5.94 15.17 -34.40
N SER B 43 7.25 15.19 -34.14
CA SER B 43 8.06 13.98 -34.09
C SER B 43 7.44 12.97 -33.12
N VAL B 44 7.17 13.42 -31.90
CA VAL B 44 6.58 12.58 -30.88
C VAL B 44 5.07 12.60 -31.01
N GLU B 45 4.49 11.43 -31.17
CA GLU B 45 3.05 11.30 -31.31
C GLU B 45 2.42 10.98 -29.99
N VAL B 46 1.30 11.63 -29.72
CA VAL B 46 0.57 11.45 -28.49
C VAL B 46 -0.81 10.90 -28.79
N GLU B 47 -1.10 9.69 -28.32
CA GLU B 47 -2.40 9.09 -28.54
C GLU B 47 -3.25 9.30 -27.30
N ILE B 48 -4.39 9.96 -27.48
CA ILE B 48 -5.28 10.24 -26.38
C ILE B 48 -6.25 9.09 -26.09
N PHE B 49 -6.35 8.70 -24.83
CA PHE B 49 -7.27 7.64 -24.45
C PHE B 49 -8.25 8.09 -23.38
N ASP B 50 -9.52 8.07 -23.76
CA ASP B 50 -10.57 8.46 -22.83
C ASP B 50 -10.77 7.32 -21.84
N VAL B 51 -11.12 7.69 -20.62
CA VAL B 51 -11.34 6.74 -19.56
C VAL B 51 -12.34 7.36 -18.59
N PRO B 52 -13.32 6.57 -18.11
CA PRO B 52 -14.33 7.06 -17.17
C PRO B 52 -13.74 7.85 -16.02
N GLY B 53 -12.99 7.17 -15.15
CA GLY B 53 -12.40 7.85 -14.02
C GLY B 53 -10.97 7.45 -13.71
N ALA B 54 -10.34 8.20 -12.82
CA ALA B 54 -8.94 7.93 -12.45
C ALA B 54 -8.70 6.47 -12.11
N TYR B 55 -9.70 5.80 -11.56
CA TYR B 55 -9.55 4.40 -11.19
C TYR B 55 -9.29 3.52 -12.41
N GLU B 56 -9.83 3.95 -13.55
CA GLU B 56 -9.69 3.19 -14.79
C GLU B 56 -8.35 3.36 -15.47
N ILE B 57 -7.54 4.28 -14.96
CA ILE B 57 -6.24 4.56 -15.56
C ILE B 57 -5.18 3.46 -15.41
N PRO B 58 -4.90 3.02 -14.17
CA PRO B 58 -3.88 1.97 -14.00
C PRO B 58 -3.97 0.83 -15.01
N LEU B 59 -5.09 0.11 -15.00
CA LEU B 59 -5.25 -1.01 -15.92
C LEU B 59 -5.02 -0.58 -17.37
N HIS B 60 -5.65 0.51 -17.78
CA HIS B 60 -5.50 1.02 -19.14
C HIS B 60 -4.01 1.22 -19.38
N ALA B 61 -3.36 1.90 -18.44
CA ALA B 61 -1.93 2.15 -18.55
C ALA B 61 -1.20 0.84 -18.85
N LYS B 62 -1.43 -0.16 -18.01
CA LYS B 62 -0.79 -1.45 -18.17
C LYS B 62 -1.04 -2.01 -19.58
N THR B 63 -2.31 -2.18 -19.92
CA THR B 63 -2.71 -2.70 -21.22
C THR B 63 -1.95 -2.04 -22.36
N LEU B 64 -2.00 -0.71 -22.40
CA LEU B 64 -1.32 0.04 -23.44
C LEU B 64 0.19 -0.14 -23.38
N ALA B 65 0.75 -0.04 -22.19
CA ALA B 65 2.19 -0.20 -22.06
C ALA B 65 2.60 -1.55 -22.64
N ARG B 66 1.79 -2.57 -22.37
CA ARG B 66 2.09 -3.90 -22.83
C ARG B 66 1.98 -4.09 -24.34
N THR B 67 1.41 -3.12 -25.02
CA THR B 67 1.30 -3.21 -26.47
C THR B 67 2.68 -2.92 -27.03
N GLY B 68 3.55 -2.37 -26.18
CA GLY B 68 4.91 -2.05 -26.60
C GLY B 68 4.94 -0.86 -27.55
N ARG B 69 3.77 -0.34 -27.89
CA ARG B 69 3.64 0.78 -28.81
C ARG B 69 4.15 2.11 -28.26
N TYR B 70 4.13 2.26 -26.94
CA TYR B 70 4.51 3.54 -26.36
C TYR B 70 5.79 3.64 -25.55
N ALA B 71 6.45 4.78 -25.71
CA ALA B 71 7.71 5.04 -25.02
C ALA B 71 7.43 5.41 -23.58
N ALA B 72 6.27 6.03 -23.38
CA ALA B 72 5.83 6.46 -22.06
C ALA B 72 4.32 6.59 -22.06
N ILE B 73 3.75 6.59 -20.87
CA ILE B 73 2.30 6.73 -20.72
C ILE B 73 2.03 7.81 -19.69
N VAL B 74 0.96 8.57 -19.92
CA VAL B 74 0.58 9.63 -19.00
C VAL B 74 -0.84 9.41 -18.49
N GLY B 75 -0.98 9.43 -17.17
CA GLY B 75 -2.28 9.27 -16.54
C GLY B 75 -2.69 10.67 -16.15
N ALA B 76 -3.84 11.11 -16.63
CA ALA B 76 -4.33 12.44 -16.32
C ALA B 76 -5.73 12.34 -15.73
N ALA B 77 -5.88 12.91 -14.54
CA ALA B 77 -7.16 12.91 -13.84
C ALA B 77 -7.16 13.95 -12.75
N PHE B 78 -8.36 14.41 -12.43
CA PHE B 78 -8.54 15.37 -11.37
C PHE B 78 -9.35 14.61 -10.33
N VAL B 79 -8.66 14.10 -9.31
CA VAL B 79 -9.31 13.37 -8.24
C VAL B 79 -9.41 14.35 -7.10
N ILE B 80 -10.62 14.82 -6.87
CA ILE B 80 -10.88 15.81 -5.84
C ILE B 80 -11.85 15.31 -4.79
N ASP B 81 -11.83 15.98 -3.65
CA ASP B 81 -12.73 15.69 -2.53
C ASP B 81 -13.99 16.49 -2.76
N GLY B 82 -15.06 15.81 -3.17
CA GLY B 82 -16.31 16.49 -3.46
C GLY B 82 -17.23 16.79 -2.28
N GLY B 83 -16.77 16.53 -1.06
CA GLY B 83 -17.61 16.82 0.09
C GLY B 83 -18.59 15.74 0.50
N ILE B 84 -18.72 14.70 -0.32
CA ILE B 84 -19.62 13.61 0.02
C ILE B 84 -18.82 12.38 0.41
N TYR B 85 -18.04 11.84 -0.52
CA TYR B 85 -17.22 10.67 -0.23
C TYR B 85 -15.74 11.02 -0.11
N ARG B 86 -14.95 10.06 0.39
CA ARG B 86 -13.53 10.29 0.53
C ARG B 86 -12.83 9.92 -0.78
N HIS B 87 -12.13 10.89 -1.37
CA HIS B 87 -11.44 10.69 -2.64
C HIS B 87 -10.08 10.01 -2.51
N ASP B 88 -9.41 10.27 -1.40
CA ASP B 88 -8.08 9.72 -1.16
C ASP B 88 -7.90 8.22 -1.43
N PHE B 89 -8.91 7.42 -1.11
CA PHE B 89 -8.78 5.98 -1.32
C PHE B 89 -8.49 5.66 -2.78
N VAL B 90 -9.27 6.24 -3.67
CA VAL B 90 -9.07 6.04 -5.09
C VAL B 90 -7.76 6.67 -5.52
N ALA B 91 -7.56 7.94 -5.18
CA ALA B 91 -6.34 8.67 -5.52
C ALA B 91 -5.15 7.76 -5.26
N THR B 92 -5.10 7.22 -4.05
CA THR B 92 -4.03 6.32 -3.68
C THR B 92 -3.96 5.11 -4.62
N ALA B 93 -5.07 4.39 -4.73
CA ALA B 93 -5.13 3.21 -5.58
C ALA B 93 -4.59 3.53 -6.99
N VAL B 94 -4.77 4.76 -7.42
CA VAL B 94 -4.33 5.20 -8.74
C VAL B 94 -2.88 5.63 -8.78
N ILE B 95 -2.48 6.53 -7.89
CA ILE B 95 -1.10 6.96 -7.92
C ILE B 95 -0.21 5.74 -7.71
N ASN B 96 -0.69 4.79 -6.91
CA ASN B 96 0.04 3.57 -6.64
C ASN B 96 -0.08 2.62 -7.82
N GLY B 97 -1.29 2.55 -8.37
CA GLY B 97 -1.55 1.68 -9.50
C GLY B 97 -0.68 1.97 -10.70
N MET B 98 -0.53 3.26 -11.03
CA MET B 98 0.29 3.66 -12.16
C MET B 98 1.70 3.31 -11.82
N MET B 99 2.13 3.72 -10.64
CA MET B 99 3.49 3.43 -10.19
C MET B 99 3.76 1.93 -10.28
N GLN B 100 2.75 1.13 -9.94
CA GLN B 100 2.87 -0.33 -9.97
C GLN B 100 2.98 -0.86 -11.37
N VAL B 101 2.23 -0.25 -12.28
CA VAL B 101 2.24 -0.65 -13.67
C VAL B 101 3.55 -0.31 -14.36
N GLN B 102 4.10 0.86 -14.09
CA GLN B 102 5.34 1.20 -14.76
C GLN B 102 6.45 0.33 -14.20
N LEU B 103 6.34 -0.07 -12.94
CA LEU B 103 7.37 -0.93 -12.38
C LEU B 103 7.23 -2.34 -12.94
N GLU B 104 6.00 -2.70 -13.32
CA GLU B 104 5.74 -4.01 -13.91
C GLU B 104 6.17 -4.01 -15.37
N THR B 105 5.43 -3.26 -16.17
CA THR B 105 5.68 -3.17 -17.61
C THR B 105 6.96 -2.45 -17.95
N GLU B 106 7.56 -1.80 -16.96
CA GLU B 106 8.80 -1.07 -17.21
C GLU B 106 8.68 -0.04 -18.33
N VAL B 107 7.49 0.55 -18.45
CA VAL B 107 7.20 1.60 -19.41
C VAL B 107 6.92 2.81 -18.51
N PRO B 108 7.77 3.84 -18.57
CA PRO B 108 7.53 5.00 -17.72
C PRO B 108 6.10 5.53 -17.79
N VAL B 109 5.49 5.69 -16.62
CA VAL B 109 4.14 6.22 -16.54
C VAL B 109 4.18 7.54 -15.77
N LEU B 110 3.93 8.63 -16.49
CA LEU B 110 3.92 9.95 -15.88
C LEU B 110 2.55 10.24 -15.29
N SER B 111 2.54 10.94 -14.16
CA SER B 111 1.31 11.24 -13.47
C SER B 111 0.84 12.67 -13.53
N VAL B 112 -0.36 12.85 -14.06
CA VAL B 112 -1.00 14.15 -14.12
C VAL B 112 -2.36 13.85 -13.48
N VAL B 113 -2.30 13.06 -12.43
CA VAL B 113 -3.46 12.67 -11.65
C VAL B 113 -3.33 13.49 -10.39
N LEU B 114 -3.74 14.74 -10.48
CA LEU B 114 -3.64 15.67 -9.38
C LEU B 114 -4.82 15.65 -8.41
N THR B 115 -4.53 15.90 -7.14
CA THR B 115 -5.55 15.92 -6.11
C THR B 115 -5.37 17.21 -5.36
N PRO B 116 -6.28 18.16 -5.58
CA PRO B 116 -6.20 19.45 -4.90
C PRO B 116 -6.56 19.40 -3.43
N HIS B 117 -5.93 20.25 -2.63
CA HIS B 117 -6.24 20.31 -1.22
C HIS B 117 -7.72 20.63 -1.13
N HIS B 118 -8.16 21.58 -1.95
CA HIS B 118 -9.56 21.99 -2.03
C HIS B 118 -9.99 22.32 -3.44
N PHE B 119 -11.20 21.87 -3.78
CA PHE B 119 -11.82 22.14 -5.06
C PHE B 119 -13.31 21.98 -4.80
N HIS B 120 -14.00 23.12 -4.68
CA HIS B 120 -15.42 23.11 -4.37
C HIS B 120 -16.40 23.40 -5.49
N GLU B 121 -16.01 23.12 -6.72
CA GLU B 121 -16.92 23.36 -7.84
C GLU B 121 -17.46 24.79 -7.80
N SER B 122 -16.56 25.75 -7.54
CA SER B 122 -16.94 27.17 -7.52
C SER B 122 -16.18 27.78 -8.69
N LYS B 123 -16.58 28.97 -9.13
CA LYS B 123 -15.88 29.59 -10.26
C LYS B 123 -14.39 29.78 -9.97
N GLU B 124 -14.07 30.35 -8.81
CA GLU B 124 -12.68 30.59 -8.46
C GLU B 124 -11.85 29.34 -8.64
N HIS B 125 -12.35 28.24 -8.12
CA HIS B 125 -11.64 26.97 -8.22
C HIS B 125 -11.58 26.42 -9.62
N HIS B 126 -12.73 26.25 -10.24
CA HIS B 126 -12.77 25.71 -11.58
C HIS B 126 -11.85 26.50 -12.48
N ASP B 127 -11.86 27.81 -12.30
CA ASP B 127 -11.02 28.68 -13.09
C ASP B 127 -9.55 28.49 -12.75
N PHE B 128 -9.23 28.39 -11.47
CA PHE B 128 -7.83 28.22 -11.08
C PHE B 128 -7.23 26.98 -11.70
N PHE B 129 -7.91 25.85 -11.53
CA PHE B 129 -7.39 24.61 -12.06
C PHE B 129 -7.47 24.44 -13.56
N HIS B 130 -8.47 25.07 -14.17
CA HIS B 130 -8.59 24.99 -15.62
C HIS B 130 -7.30 25.61 -16.11
N ALA B 131 -6.85 26.62 -15.37
CA ALA B 131 -5.63 27.32 -15.71
C ALA B 131 -4.40 26.51 -15.33
N HIS B 132 -4.34 26.08 -14.08
CA HIS B 132 -3.17 25.35 -13.63
C HIS B 132 -2.89 24.04 -14.35
N PHE B 133 -3.94 23.37 -14.84
CA PHE B 133 -3.71 22.12 -15.54
C PHE B 133 -2.92 22.34 -16.83
N LYS B 134 -3.07 23.52 -17.44
CA LYS B 134 -2.30 23.82 -18.64
C LYS B 134 -0.82 23.76 -18.24
N VAL B 135 -0.50 24.35 -17.09
CA VAL B 135 0.87 24.34 -16.61
C VAL B 135 1.34 22.92 -16.34
N LYS B 136 0.53 22.15 -15.62
CA LYS B 136 0.90 20.78 -15.31
C LYS B 136 1.16 20.00 -16.60
N GLY B 137 0.27 20.17 -17.58
CA GLY B 137 0.42 19.48 -18.85
C GLY B 137 1.77 19.71 -19.52
N VAL B 138 2.27 20.94 -19.42
CA VAL B 138 3.54 21.27 -20.01
C VAL B 138 4.64 20.56 -19.23
N GLU B 139 4.47 20.50 -17.92
CA GLU B 139 5.44 19.82 -17.08
C GLU B 139 5.47 18.35 -17.46
N ALA B 140 4.30 17.80 -17.76
CA ALA B 140 4.19 16.40 -18.14
C ALA B 140 5.01 16.24 -19.41
N ALA B 141 4.70 17.08 -20.38
CA ALA B 141 5.39 17.05 -21.65
C ALA B 141 6.89 16.90 -21.44
N HIS B 142 7.49 17.87 -20.76
CA HIS B 142 8.93 17.80 -20.52
C HIS B 142 9.33 16.51 -19.82
N ALA B 143 8.73 16.26 -18.66
CA ALA B 143 9.01 15.04 -17.90
C ALA B 143 8.96 13.84 -18.84
N ALA B 144 7.96 13.80 -19.70
CA ALA B 144 7.84 12.71 -20.64
C ALA B 144 9.12 12.65 -21.47
N LEU B 145 9.32 13.66 -22.30
CA LEU B 145 10.50 13.75 -23.15
C LEU B 145 11.75 13.36 -22.39
N GLN B 146 11.97 14.04 -21.27
CA GLN B 146 13.13 13.79 -20.44
C GLN B 146 13.30 12.32 -20.09
N ILE B 147 12.32 11.77 -19.38
CA ILE B 147 12.43 10.38 -18.95
C ILE B 147 12.69 9.44 -20.11
N VAL B 148 11.91 9.55 -21.18
CA VAL B 148 12.11 8.69 -22.34
C VAL B 148 13.55 8.85 -22.81
N SER B 149 13.98 10.11 -22.96
CA SER B 149 15.33 10.37 -23.38
C SER B 149 16.31 9.64 -22.46
N GLU B 150 16.23 9.94 -21.17
CA GLU B 150 17.10 9.31 -20.19
C GLU B 150 17.19 7.80 -20.31
N ARG B 151 16.04 7.14 -20.42
CA ARG B 151 16.02 5.68 -20.52
C ARG B 151 16.88 5.16 -21.68
N SER B 152 17.02 5.97 -22.72
CA SER B 152 17.82 5.60 -23.88
C SER B 152 19.29 5.82 -23.56
N ARG B 153 19.60 7.03 -23.10
CA ARG B 153 20.96 7.38 -22.72
C ARG B 153 21.48 6.28 -21.81
N ILE B 154 20.59 5.73 -21.00
CA ILE B 154 20.92 4.66 -20.06
C ILE B 154 20.95 3.29 -20.74
N ALA B 155 20.08 3.10 -21.73
CA ALA B 155 20.02 1.82 -22.44
C ALA B 155 21.24 1.64 -23.35
N ALA B 156 22.01 2.72 -23.53
CA ALA B 156 23.20 2.70 -24.38
C ALA B 156 24.46 2.80 -23.52
N SER C 10 36.04 -1.72 -3.90
CA SER C 10 35.49 -0.65 -4.78
C SER C 10 34.21 -1.07 -5.53
N PHE C 11 33.27 -0.13 -5.63
CA PHE C 11 32.00 -0.39 -6.32
C PHE C 11 31.34 0.91 -6.78
N LYS C 12 30.26 0.77 -7.54
CA LYS C 12 29.53 1.92 -8.06
C LYS C 12 28.14 2.09 -7.44
N ILE C 13 27.73 3.35 -7.30
CA ILE C 13 26.44 3.68 -6.72
C ILE C 13 25.66 4.58 -7.67
N ALA C 14 24.49 4.13 -8.13
CA ALA C 14 23.67 4.95 -9.02
C ALA C 14 22.89 5.96 -8.17
N PHE C 15 23.09 7.24 -8.45
CA PHE C 15 22.42 8.30 -7.72
C PHE C 15 21.38 8.99 -8.58
N ILE C 16 20.14 8.54 -8.49
CA ILE C 16 19.04 9.10 -9.26
C ILE C 16 18.50 10.33 -8.53
N GLN C 17 18.51 11.49 -9.18
CA GLN C 17 18.02 12.68 -8.53
C GLN C 17 16.88 13.38 -9.27
N ALA C 18 15.77 13.59 -8.57
CA ALA C 18 14.63 14.28 -9.15
C ALA C 18 15.09 15.69 -9.45
N ARG C 19 14.41 16.37 -10.36
CA ARG C 19 14.83 17.71 -10.69
C ARG C 19 14.00 18.81 -10.06
N TRP C 20 12.88 18.45 -9.45
CA TRP C 20 12.08 19.45 -8.75
C TRP C 20 12.92 19.94 -7.58
N HIS C 21 12.90 21.24 -7.30
CA HIS C 21 13.68 21.79 -6.20
C HIS C 21 15.10 21.28 -6.36
N ALA C 22 15.54 21.20 -7.61
CA ALA C 22 16.86 20.72 -7.95
C ALA C 22 17.97 21.30 -7.08
N ASP C 23 18.04 22.62 -6.98
CA ASP C 23 19.10 23.25 -6.17
C ASP C 23 19.21 22.66 -4.76
N ILE C 24 18.09 22.22 -4.21
CA ILE C 24 18.10 21.64 -2.89
C ILE C 24 18.53 20.18 -3.05
N VAL C 25 17.87 19.46 -3.95
CA VAL C 25 18.21 18.08 -4.18
C VAL C 25 19.72 17.98 -4.42
N ASP C 26 20.23 18.89 -5.24
CA ASP C 26 21.65 18.95 -5.57
C ASP C 26 22.56 18.88 -4.35
N GLU C 27 22.33 19.79 -3.41
CA GLU C 27 23.16 19.80 -2.22
C GLU C 27 23.26 18.39 -1.64
N ALA C 28 22.15 17.66 -1.67
CA ALA C 28 22.15 16.30 -1.15
C ALA C 28 23.17 15.49 -1.94
N ARG C 29 23.08 15.53 -3.26
CA ARG C 29 23.99 14.80 -4.12
C ARG C 29 25.46 15.20 -3.90
N LYS C 30 25.74 16.47 -4.13
CA LYS C 30 27.08 16.99 -3.98
C LYS C 30 27.70 16.48 -2.68
N SER C 31 26.95 16.60 -1.60
CA SER C 31 27.39 16.16 -0.27
C SER C 31 27.68 14.66 -0.27
N PHE C 32 26.76 13.91 -0.85
CA PHE C 32 26.89 12.46 -0.95
C PHE C 32 28.18 12.10 -1.67
N VAL C 33 28.34 12.65 -2.87
CA VAL C 33 29.54 12.40 -3.67
C VAL C 33 30.79 12.85 -2.91
N ALA C 34 30.69 14.01 -2.26
CA ALA C 34 31.80 14.54 -1.48
C ALA C 34 32.16 13.57 -0.37
N GLU C 35 31.21 13.29 0.51
CA GLU C 35 31.45 12.36 1.62
C GLU C 35 32.09 11.06 1.18
N LEU C 36 31.55 10.44 0.14
CA LEU C 36 32.11 9.19 -0.35
C LEU C 36 33.57 9.35 -0.72
N ALA C 37 33.91 10.44 -1.39
CA ALA C 37 35.30 10.70 -1.78
C ALA C 37 36.16 10.75 -0.51
N ALA C 38 35.70 11.52 0.48
CA ALA C 38 36.41 11.65 1.74
C ALA C 38 36.35 10.38 2.57
N LYS C 39 35.88 9.29 1.98
CA LYS C 39 35.75 8.03 2.70
C LYS C 39 36.21 6.83 1.89
N THR C 40 36.14 6.95 0.56
CA THR C 40 36.54 5.87 -0.32
C THR C 40 37.69 6.34 -1.19
N GLY C 41 38.02 7.62 -1.05
CA GLY C 41 39.10 8.20 -1.84
C GLY C 41 38.86 7.99 -3.31
N GLY C 42 37.59 7.96 -3.71
CA GLY C 42 37.28 7.75 -5.10
C GLY C 42 37.03 6.29 -5.43
N SER C 43 37.29 5.41 -4.47
CA SER C 43 37.07 3.98 -4.66
C SER C 43 35.66 3.74 -5.18
N VAL C 44 34.68 4.26 -4.43
CA VAL C 44 33.28 4.12 -4.80
C VAL C 44 32.94 5.19 -5.82
N GLU C 45 32.54 4.75 -7.00
CA GLU C 45 32.18 5.68 -8.07
C GLU C 45 30.67 5.94 -8.04
N VAL C 46 30.29 7.20 -8.04
CA VAL C 46 28.87 7.55 -8.02
C VAL C 46 28.48 8.15 -9.37
N GLU C 47 27.51 7.51 -10.02
CA GLU C 47 27.01 7.95 -11.31
C GLU C 47 25.68 8.64 -11.07
N ILE C 48 25.57 9.88 -11.52
CA ILE C 48 24.35 10.64 -11.34
C ILE C 48 23.39 10.51 -12.51
N PHE C 49 22.11 10.30 -12.18
CA PHE C 49 21.10 10.20 -13.22
C PHE C 49 19.99 11.19 -12.93
N ASP C 50 19.67 12.04 -13.91
CA ASP C 50 18.62 13.02 -13.73
C ASP C 50 17.31 12.44 -14.16
N VAL C 51 16.28 12.77 -13.40
CA VAL C 51 14.94 12.29 -13.68
C VAL C 51 14.05 13.47 -13.36
N PRO C 52 12.94 13.63 -14.08
CA PRO C 52 11.98 14.74 -13.90
C PRO C 52 11.53 14.99 -12.46
N GLY C 53 10.80 14.03 -11.91
CA GLY C 53 10.31 14.17 -10.55
C GLY C 53 10.47 12.90 -9.74
N ALA C 54 10.25 13.00 -8.44
CA ALA C 54 10.38 11.86 -7.53
C ALA C 54 9.63 10.62 -8.03
N TYR C 55 8.50 10.85 -8.69
CA TYR C 55 7.70 9.74 -9.19
C TYR C 55 8.46 8.95 -10.24
N GLU C 56 9.41 9.62 -10.88
CA GLU C 56 10.23 9.01 -11.92
C GLU C 56 11.42 8.21 -11.40
N ILE C 57 11.63 8.22 -10.08
CA ILE C 57 12.76 7.51 -9.50
C ILE C 57 12.61 5.98 -9.49
N PRO C 58 11.57 5.46 -8.85
CA PRO C 58 11.36 4.01 -8.78
C PRO C 58 11.74 3.19 -10.01
N LEU C 59 11.11 3.47 -11.15
CA LEU C 59 11.43 2.72 -12.37
C LEU C 59 12.89 2.82 -12.75
N HIS C 60 13.44 4.02 -12.64
CA HIS C 60 14.85 4.22 -12.98
C HIS C 60 15.71 3.34 -12.08
N ALA C 61 15.45 3.38 -10.78
CA ALA C 61 16.23 2.59 -9.85
C ALA C 61 16.06 1.11 -10.12
N LYS C 62 14.90 0.71 -10.65
CA LYS C 62 14.69 -0.69 -10.96
C LYS C 62 15.58 -1.03 -12.14
N THR C 63 15.43 -0.23 -13.20
CA THR C 63 16.21 -0.39 -14.42
C THR C 63 17.71 -0.44 -14.10
N LEU C 64 18.22 0.61 -13.48
CA LEU C 64 19.63 0.67 -13.13
C LEU C 64 20.04 -0.49 -12.24
N ALA C 65 19.16 -0.92 -11.35
CA ALA C 65 19.46 -2.03 -10.46
C ALA C 65 19.67 -3.29 -11.28
N ARG C 66 18.75 -3.52 -12.20
CA ARG C 66 18.83 -4.69 -13.06
C ARG C 66 20.20 -4.84 -13.70
N THR C 67 20.76 -3.73 -14.17
CA THR C 67 22.06 -3.76 -14.81
C THR C 67 23.09 -4.55 -14.04
N GLY C 68 23.02 -4.50 -12.72
CA GLY C 68 24.00 -5.22 -11.93
C GLY C 68 25.23 -4.37 -11.75
N ARG C 69 25.31 -3.26 -12.47
CA ARG C 69 26.46 -2.39 -12.37
C ARG C 69 26.55 -1.63 -11.04
N TYR C 70 25.56 -1.77 -10.16
CA TYR C 70 25.61 -1.00 -8.92
C TYR C 70 25.43 -1.74 -7.61
N ALA C 71 26.31 -1.43 -6.67
CA ALA C 71 26.31 -2.03 -5.35
C ALA C 71 25.11 -1.56 -4.56
N ALA C 72 24.66 -0.35 -4.89
CA ALA C 72 23.51 0.26 -4.24
C ALA C 72 23.01 1.40 -5.11
N ILE C 73 21.75 1.76 -4.90
CA ILE C 73 21.13 2.85 -5.64
C ILE C 73 20.59 3.84 -4.62
N VAL C 74 20.66 5.12 -4.95
CA VAL C 74 20.18 6.15 -4.05
C VAL C 74 19.15 6.98 -4.81
N GLY C 75 18.04 7.29 -4.14
CA GLY C 75 17.01 8.11 -4.74
C GLY C 75 16.97 9.41 -3.95
N ALA C 76 17.13 10.53 -4.62
CA ALA C 76 17.11 11.80 -3.94
C ALA C 76 16.06 12.66 -4.60
N ALA C 77 15.20 13.24 -3.77
CA ALA C 77 14.14 14.09 -4.27
C ALA C 77 13.60 14.91 -3.13
N PHE C 78 12.97 16.03 -3.45
CA PHE C 78 12.37 16.85 -2.43
C PHE C 78 10.91 16.91 -2.80
N VAL C 79 10.09 16.13 -2.10
CA VAL C 79 8.66 16.09 -2.38
C VAL C 79 7.95 16.87 -1.28
N ILE C 80 7.63 18.11 -1.59
CA ILE C 80 6.99 18.99 -0.63
C ILE C 80 5.54 19.30 -0.98
N ASP C 81 4.84 19.87 0.00
CA ASP C 81 3.47 20.27 -0.17
C ASP C 81 3.53 21.71 -0.70
N GLY C 82 3.31 21.87 -2.00
CA GLY C 82 3.34 23.18 -2.61
C GLY C 82 2.15 24.05 -2.28
N GLY C 83 1.15 23.47 -1.62
CA GLY C 83 -0.01 24.23 -1.23
C GLY C 83 -1.17 24.21 -2.21
N ILE C 84 -1.08 23.38 -3.24
CA ILE C 84 -2.18 23.29 -4.19
C ILE C 84 -2.73 21.87 -4.18
N TYR C 85 -1.88 20.90 -4.50
CA TYR C 85 -2.29 19.49 -4.53
C TYR C 85 -1.68 18.69 -3.36
N ARG C 86 -2.09 17.44 -3.21
CA ARG C 86 -1.52 16.62 -2.15
C ARG C 86 -0.29 15.88 -2.68
N HIS C 87 0.81 16.03 -1.96
CA HIS C 87 2.07 15.43 -2.35
C HIS C 87 2.28 14.04 -1.74
N ASP C 88 1.61 13.79 -0.62
CA ASP C 88 1.75 12.50 0.06
C ASP C 88 1.43 11.31 -0.82
N PHE C 89 0.53 11.48 -1.79
CA PHE C 89 0.20 10.38 -2.68
C PHE C 89 1.44 9.96 -3.43
N VAL C 90 2.15 10.94 -3.98
CA VAL C 90 3.38 10.69 -4.73
C VAL C 90 4.45 10.21 -3.76
N ALA C 91 4.68 11.00 -2.71
CA ALA C 91 5.68 10.69 -1.70
C ALA C 91 5.58 9.20 -1.38
N THR C 92 4.38 8.79 -1.01
CA THR C 92 4.14 7.40 -0.67
C THR C 92 4.53 6.48 -1.81
N ALA C 93 4.04 6.78 -3.00
CA ALA C 93 4.33 5.97 -4.18
C ALA C 93 5.85 5.83 -4.44
N VAL C 94 6.56 6.94 -4.33
CA VAL C 94 7.99 6.94 -4.56
C VAL C 94 8.71 6.16 -3.45
N ILE C 95 8.36 6.44 -2.19
CA ILE C 95 9.00 5.75 -1.09
C ILE C 95 8.74 4.27 -1.20
N ASN C 96 7.48 3.88 -1.37
CA ASN C 96 7.13 2.48 -1.52
C ASN C 96 7.84 1.94 -2.74
N GLY C 97 7.68 2.68 -3.83
CA GLY C 97 8.29 2.31 -5.09
C GLY C 97 9.71 1.85 -4.90
N MET C 98 10.54 2.72 -4.33
CA MET C 98 11.93 2.39 -4.10
C MET C 98 12.05 1.11 -3.30
N MET C 99 11.47 1.11 -2.11
CA MET C 99 11.49 -0.06 -1.24
C MET C 99 11.08 -1.31 -2.02
N GLN C 100 10.07 -1.19 -2.87
CA GLN C 100 9.60 -2.31 -3.67
C GLN C 100 10.64 -2.77 -4.67
N VAL C 101 11.27 -1.81 -5.33
CA VAL C 101 12.28 -2.09 -6.32
C VAL C 101 13.49 -2.78 -5.69
N GLN C 102 14.00 -2.21 -4.61
CA GLN C 102 15.15 -2.81 -3.96
C GLN C 102 14.78 -4.20 -3.43
N LEU C 103 13.50 -4.45 -3.21
CA LEU C 103 13.11 -5.76 -2.73
C LEU C 103 13.07 -6.77 -3.88
N GLU C 104 12.72 -6.31 -5.06
CA GLU C 104 12.64 -7.21 -6.21
C GLU C 104 14.03 -7.50 -6.73
N THR C 105 14.78 -6.43 -6.96
CA THR C 105 16.12 -6.49 -7.49
C THR C 105 17.16 -6.83 -6.43
N GLU C 106 16.76 -6.83 -5.17
CA GLU C 106 17.69 -7.12 -4.10
C GLU C 106 18.96 -6.28 -4.18
N VAL C 107 18.80 -5.05 -4.68
CA VAL C 107 19.89 -4.10 -4.76
C VAL C 107 19.50 -2.98 -3.81
N PRO C 108 20.32 -2.70 -2.80
CA PRO C 108 20.00 -1.65 -1.85
C PRO C 108 19.59 -0.35 -2.54
N VAL C 109 18.50 0.25 -2.06
CA VAL C 109 18.07 1.53 -2.61
C VAL C 109 17.85 2.46 -1.41
N LEU C 110 18.83 3.33 -1.17
CA LEU C 110 18.76 4.26 -0.07
C LEU C 110 17.87 5.45 -0.43
N SER C 111 17.08 5.90 0.52
CA SER C 111 16.16 7.01 0.27
C SER C 111 16.59 8.37 0.79
N VAL C 112 16.61 9.32 -0.13
CA VAL C 112 16.95 10.68 0.19
C VAL C 112 15.80 11.45 -0.47
N VAL C 113 14.65 10.79 -0.46
CA VAL C 113 13.42 11.34 -1.01
C VAL C 113 12.72 11.95 0.20
N LEU C 114 13.12 13.16 0.54
CA LEU C 114 12.57 13.85 1.69
C LEU C 114 11.29 14.63 1.46
N THR C 115 10.50 14.70 2.51
CA THR C 115 9.24 15.41 2.49
C THR C 115 9.16 16.17 3.80
N PRO C 116 9.34 17.50 3.74
CA PRO C 116 9.30 18.32 4.95
C PRO C 116 7.88 18.58 5.40
N HIS C 117 7.69 18.75 6.71
CA HIS C 117 6.37 19.04 7.22
C HIS C 117 5.91 20.30 6.54
N HIS C 118 6.82 21.26 6.41
CA HIS C 118 6.54 22.53 5.76
C HIS C 118 7.69 23.00 4.89
N PHE C 119 7.32 23.70 3.83
CA PHE C 119 8.27 24.29 2.88
C PHE C 119 7.43 25.18 2.00
N HIS C 120 7.38 26.46 2.36
CA HIS C 120 6.57 27.39 1.59
C HIS C 120 7.33 28.31 0.64
N GLU C 121 8.41 27.83 0.05
CA GLU C 121 9.14 28.67 -0.89
C GLU C 121 9.45 30.04 -0.29
N SER C 122 10.16 30.06 0.83
CA SER C 122 10.52 31.31 1.45
C SER C 122 12.03 31.26 1.67
N LYS C 123 12.62 32.43 1.90
CA LYS C 123 14.06 32.51 2.14
C LYS C 123 14.40 31.52 3.25
N GLU C 124 13.77 31.70 4.40
CA GLU C 124 14.01 30.83 5.54
C GLU C 124 13.90 29.36 5.20
N HIS C 125 12.76 28.96 4.64
CA HIS C 125 12.56 27.57 4.28
C HIS C 125 13.62 27.06 3.31
N HIS C 126 13.77 27.77 2.20
CA HIS C 126 14.75 27.36 1.21
C HIS C 126 16.14 27.20 1.79
N ASP C 127 16.66 28.28 2.34
CA ASP C 127 17.99 28.24 2.90
C ASP C 127 18.20 27.13 3.91
N PHE C 128 17.14 26.76 4.62
CA PHE C 128 17.24 25.70 5.62
C PHE C 128 17.48 24.30 5.01
N PHE C 129 16.66 23.92 4.04
CA PHE C 129 16.81 22.61 3.44
C PHE C 129 17.96 22.59 2.46
N HIS C 130 18.31 23.77 1.95
CA HIS C 130 19.41 23.87 1.03
C HIS C 130 20.64 23.37 1.78
N ALA C 131 20.68 23.72 3.05
CA ALA C 131 21.79 23.34 3.90
C ALA C 131 21.61 21.96 4.53
N HIS C 132 20.37 21.64 4.92
CA HIS C 132 20.13 20.37 5.56
C HIS C 132 20.28 19.18 4.61
N PHE C 133 20.01 19.38 3.33
CA PHE C 133 20.17 18.29 2.39
C PHE C 133 21.63 17.88 2.30
N LYS C 134 22.51 18.79 2.74
CA LYS C 134 23.94 18.50 2.74
C LYS C 134 24.12 17.45 3.80
N VAL C 135 23.57 17.74 4.98
CA VAL C 135 23.64 16.81 6.10
C VAL C 135 23.09 15.44 5.68
N LYS C 136 21.86 15.46 5.16
CA LYS C 136 21.21 14.23 4.73
C LYS C 136 22.05 13.45 3.72
N GLY C 137 22.74 14.18 2.84
CA GLY C 137 23.58 13.55 1.84
C GLY C 137 24.74 12.81 2.49
N VAL C 138 25.22 13.35 3.60
CA VAL C 138 26.31 12.71 4.32
C VAL C 138 25.75 11.39 4.85
N GLU C 139 24.63 11.49 5.56
CA GLU C 139 23.96 10.33 6.12
C GLU C 139 23.75 9.28 5.03
N ALA C 140 23.33 9.73 3.87
CA ALA C 140 23.10 8.84 2.74
C ALA C 140 24.41 8.18 2.34
N ALA C 141 25.50 8.91 2.47
CA ALA C 141 26.82 8.38 2.12
C ALA C 141 27.12 7.24 3.05
N HIS C 142 27.20 7.53 4.34
CA HIS C 142 27.50 6.54 5.37
C HIS C 142 26.60 5.31 5.25
N ALA C 143 25.30 5.54 5.13
CA ALA C 143 24.34 4.46 5.03
C ALA C 143 24.70 3.53 3.88
N ALA C 144 25.03 4.10 2.72
CA ALA C 144 25.39 3.32 1.55
C ALA C 144 26.61 2.46 1.85
N LEU C 145 27.65 3.10 2.37
CA LEU C 145 28.87 2.40 2.71
C LEU C 145 28.57 1.30 3.71
N GLN C 146 27.85 1.65 4.77
CA GLN C 146 27.49 0.71 5.81
C GLN C 146 26.66 -0.46 5.28
N ILE C 147 25.67 -0.17 4.46
CA ILE C 147 24.79 -1.21 3.94
C ILE C 147 25.49 -2.07 2.89
N VAL C 148 26.20 -1.44 1.97
CA VAL C 148 26.89 -2.20 0.94
C VAL C 148 27.92 -3.10 1.61
N SER C 149 28.55 -2.57 2.65
CA SER C 149 29.54 -3.31 3.42
C SER C 149 28.86 -4.49 4.10
N GLU C 150 27.82 -4.19 4.86
CA GLU C 150 27.07 -5.21 5.58
C GLU C 150 26.59 -6.38 4.70
N ARG C 151 25.99 -6.06 3.56
CA ARG C 151 25.48 -7.09 2.66
C ARG C 151 26.56 -8.05 2.21
N SER C 152 27.65 -7.49 1.70
CA SER C 152 28.77 -8.31 1.22
C SER C 152 29.29 -9.19 2.36
N ARG C 153 29.27 -8.65 3.57
CA ARG C 153 29.73 -9.38 4.75
C ARG C 153 28.85 -10.61 5.01
N ILE C 154 27.55 -10.37 5.19
CA ILE C 154 26.61 -11.45 5.45
C ILE C 154 26.54 -12.39 4.25
N ALA C 155 27.31 -12.07 3.21
CA ALA C 155 27.34 -12.88 2.01
C ALA C 155 28.54 -13.83 2.06
N ALA C 156 29.66 -13.33 2.58
CA ALA C 156 30.89 -14.12 2.69
C ALA C 156 30.85 -14.97 3.95
N THR D 9 13.45 -26.65 20.89
CA THR D 9 13.52 -25.16 20.95
C THR D 9 14.95 -24.66 20.68
N SER D 10 15.57 -25.17 19.62
CA SER D 10 16.92 -24.75 19.23
C SER D 10 16.96 -24.32 17.77
N PHE D 11 17.02 -23.01 17.57
CA PHE D 11 17.04 -22.42 16.23
C PHE D 11 17.69 -21.04 16.26
N LYS D 12 17.92 -20.48 15.08
CA LYS D 12 18.56 -19.19 14.96
C LYS D 12 17.59 -18.06 14.60
N ILE D 13 17.88 -16.87 15.13
CA ILE D 13 17.09 -15.67 14.90
C ILE D 13 18.00 -14.54 14.44
N ALA D 14 17.60 -13.84 13.37
CA ALA D 14 18.40 -12.72 12.86
C ALA D 14 17.77 -11.41 13.32
N PHE D 15 18.38 -10.79 14.31
CA PHE D 15 17.89 -9.52 14.84
C PHE D 15 18.50 -8.41 14.00
N ILE D 16 17.69 -7.75 13.18
CA ILE D 16 18.19 -6.67 12.36
C ILE D 16 17.87 -5.36 13.05
N GLN D 17 18.90 -4.59 13.40
CA GLN D 17 18.69 -3.33 14.10
C GLN D 17 19.20 -2.07 13.39
N ALA D 18 18.29 -1.13 13.14
CA ALA D 18 18.64 0.13 12.50
C ALA D 18 19.56 0.85 13.47
N ARG D 19 20.37 1.77 12.97
CA ARG D 19 21.27 2.45 13.89
C ARG D 19 20.81 3.82 14.34
N TRP D 20 19.68 4.28 13.83
CA TRP D 20 19.11 5.57 14.25
C TRP D 20 18.59 5.34 15.67
N HIS D 21 19.01 6.20 16.60
CA HIS D 21 18.60 6.08 18.00
C HIS D 21 19.11 4.77 18.57
N ALA D 22 20.33 4.42 18.19
CA ALA D 22 20.96 3.19 18.63
C ALA D 22 20.77 2.90 20.11
N ASP D 23 21.02 3.87 20.97
CA ASP D 23 20.86 3.64 22.40
C ASP D 23 19.48 3.11 22.74
N ILE D 24 18.44 3.63 22.08
CA ILE D 24 17.10 3.14 22.35
C ILE D 24 16.93 1.78 21.71
N VAL D 25 17.24 1.68 20.42
CA VAL D 25 17.12 0.41 19.73
C VAL D 25 17.85 -0.68 20.46
N ASP D 26 19.10 -0.39 20.83
CA ASP D 26 19.95 -1.33 21.54
C ASP D 26 19.25 -1.92 22.76
N GLU D 27 18.47 -1.11 23.44
CA GLU D 27 17.78 -1.58 24.64
C GLU D 27 16.86 -2.73 24.31
N ALA D 28 16.22 -2.65 23.14
CA ALA D 28 15.32 -3.72 22.69
C ALA D 28 16.14 -4.96 22.38
N ARG D 29 17.25 -4.78 21.68
CA ARG D 29 18.12 -5.89 21.33
C ARG D 29 18.62 -6.59 22.58
N LYS D 30 19.26 -5.84 23.45
CA LYS D 30 19.80 -6.40 24.67
C LYS D 30 18.70 -7.19 25.38
N SER D 31 17.57 -6.53 25.58
CA SER D 31 16.44 -7.15 26.25
C SER D 31 15.97 -8.40 25.52
N PHE D 32 15.96 -8.36 24.19
CA PHE D 32 15.52 -9.51 23.39
C PHE D 32 16.46 -10.68 23.68
N VAL D 33 17.75 -10.45 23.43
CA VAL D 33 18.76 -11.45 23.66
C VAL D 33 18.69 -12.02 25.08
N ALA D 34 18.64 -11.15 26.06
CA ALA D 34 18.58 -11.57 27.45
C ALA D 34 17.36 -12.44 27.77
N GLU D 35 16.18 -12.04 27.30
CA GLU D 35 14.98 -12.82 27.58
C GLU D 35 15.10 -14.21 27.01
N LEU D 36 15.53 -14.30 25.75
CA LEU D 36 15.68 -15.60 25.12
C LEU D 36 16.71 -16.41 25.87
N ALA D 37 17.75 -15.72 26.33
CA ALA D 37 18.80 -16.38 27.08
C ALA D 37 18.13 -17.04 28.29
N ALA D 38 17.27 -16.27 28.96
CA ALA D 38 16.57 -16.73 30.14
C ALA D 38 15.49 -17.77 29.87
N LYS D 39 15.00 -17.86 28.64
CA LYS D 39 13.96 -18.83 28.37
C LYS D 39 14.48 -20.06 27.66
N THR D 40 15.48 -19.90 26.81
CA THR D 40 16.02 -21.03 26.07
C THR D 40 17.43 -21.42 26.47
N GLY D 41 18.01 -20.66 27.41
CA GLY D 41 19.35 -20.96 27.85
C GLY D 41 20.36 -21.01 26.72
N GLY D 42 20.21 -20.12 25.74
CA GLY D 42 21.14 -20.10 24.62
C GLY D 42 20.83 -21.09 23.52
N SER D 43 19.85 -21.97 23.73
CA SER D 43 19.50 -22.96 22.71
C SER D 43 18.93 -22.26 21.48
N VAL D 44 18.67 -20.97 21.62
CA VAL D 44 18.18 -20.15 20.53
C VAL D 44 19.26 -19.10 20.29
N GLU D 45 19.89 -19.14 19.12
CA GLU D 45 20.94 -18.18 18.81
C GLU D 45 20.38 -16.93 18.18
N VAL D 46 20.83 -15.78 18.65
CA VAL D 46 20.38 -14.51 18.11
C VAL D 46 21.53 -13.81 17.44
N GLU D 47 21.51 -13.79 16.12
CA GLU D 47 22.56 -13.13 15.37
C GLU D 47 22.16 -11.67 15.13
N ILE D 48 22.99 -10.74 15.57
CA ILE D 48 22.68 -9.34 15.38
C ILE D 48 23.24 -8.78 14.09
N PHE D 49 22.45 -7.98 13.41
CA PHE D 49 22.86 -7.33 12.18
C PHE D 49 22.56 -5.85 12.24
N ASP D 50 23.58 -5.04 12.01
CA ASP D 50 23.42 -3.60 12.02
C ASP D 50 22.98 -3.17 10.63
N VAL D 51 22.27 -2.05 10.59
CA VAL D 51 21.78 -1.51 9.36
C VAL D 51 21.67 -0.01 9.55
N PRO D 52 21.99 0.77 8.51
CA PRO D 52 21.92 2.23 8.62
C PRO D 52 20.65 2.69 9.33
N GLY D 53 19.53 2.58 8.63
CA GLY D 53 18.25 3.00 9.20
C GLY D 53 17.15 1.98 8.96
N ALA D 54 15.95 2.31 9.42
CA ALA D 54 14.81 1.42 9.27
C ALA D 54 14.58 0.99 7.85
N TYR D 55 14.62 1.95 6.93
CA TYR D 55 14.37 1.69 5.52
C TYR D 55 15.21 0.53 4.99
N GLU D 56 16.38 0.34 5.60
CA GLU D 56 17.29 -0.72 5.18
C GLU D 56 16.93 -2.11 5.72
N ILE D 57 15.96 -2.20 6.61
CA ILE D 57 15.60 -3.49 7.20
C ILE D 57 14.91 -4.51 6.30
N PRO D 58 13.88 -4.11 5.56
CA PRO D 58 13.18 -5.06 4.69
C PRO D 58 14.10 -5.93 3.84
N LEU D 59 14.88 -5.30 2.96
CA LEU D 59 15.79 -6.03 2.09
C LEU D 59 16.72 -6.93 2.89
N HIS D 60 17.33 -6.36 3.93
CA HIS D 60 18.26 -7.12 4.76
C HIS D 60 17.57 -8.36 5.32
N ALA D 61 16.34 -8.21 5.77
CA ALA D 61 15.60 -9.34 6.29
C ALA D 61 15.34 -10.31 5.14
N LYS D 62 15.00 -9.79 3.97
CA LYS D 62 14.73 -10.66 2.83
C LYS D 62 15.94 -11.55 2.56
N THR D 63 17.11 -10.92 2.48
CA THR D 63 18.35 -11.65 2.25
C THR D 63 18.60 -12.66 3.37
N LEU D 64 18.75 -12.15 4.59
CA LEU D 64 18.99 -13.01 5.73
C LEU D 64 17.93 -14.10 5.83
N ALA D 65 16.72 -13.82 5.34
CA ALA D 65 15.64 -14.79 5.42
C ALA D 65 15.84 -15.93 4.44
N ARG D 66 16.03 -15.60 3.19
CA ARG D 66 16.19 -16.63 2.18
C ARG D 66 17.39 -17.54 2.39
N THR D 67 18.29 -17.17 3.29
CA THR D 67 19.45 -18.00 3.55
C THR D 67 18.99 -19.30 4.19
N GLY D 68 17.74 -19.32 4.64
CA GLY D 68 17.19 -20.49 5.28
C GLY D 68 17.76 -20.73 6.66
N ARG D 69 18.80 -19.98 7.03
CA ARG D 69 19.44 -20.15 8.33
C ARG D 69 18.63 -19.73 9.56
N TYR D 70 17.61 -18.91 9.38
CA TYR D 70 16.86 -18.45 10.55
C TYR D 70 15.41 -18.87 10.63
N ALA D 71 14.98 -19.18 11.85
CA ALA D 71 13.61 -19.61 12.11
C ALA D 71 12.69 -18.40 12.11
N ALA D 72 13.26 -17.25 12.43
CA ALA D 72 12.53 -16.00 12.47
C ALA D 72 13.52 -14.87 12.34
N ILE D 73 12.99 -13.70 11.97
CA ILE D 73 13.80 -12.50 11.83
C ILE D 73 13.13 -11.37 12.60
N VAL D 74 13.94 -10.53 13.25
CA VAL D 74 13.41 -9.41 13.99
C VAL D 74 13.92 -8.11 13.39
N GLY D 75 12.99 -7.18 13.22
CA GLY D 75 13.33 -5.87 12.72
C GLY D 75 13.19 -4.94 13.91
N ALA D 76 14.26 -4.24 14.24
CA ALA D 76 14.23 -3.33 15.37
C ALA D 76 14.71 -1.98 14.87
N ALA D 77 13.91 -0.96 15.12
CA ALA D 77 14.26 0.38 14.72
C ALA D 77 13.33 1.34 15.41
N PHE D 78 13.77 2.59 15.52
CA PHE D 78 12.96 3.61 16.13
C PHE D 78 12.76 4.65 15.04
N VAL D 79 11.57 4.66 14.45
CA VAL D 79 11.28 5.64 13.40
C VAL D 79 10.44 6.69 14.10
N ILE D 80 10.99 7.90 14.17
CA ILE D 80 10.30 8.99 14.84
C ILE D 80 10.21 10.23 13.99
N ASP D 81 9.27 11.09 14.37
CA ASP D 81 9.07 12.35 13.69
C ASP D 81 10.04 13.33 14.31
N GLY D 82 11.15 13.58 13.63
CA GLY D 82 12.14 14.50 14.17
C GLY D 82 11.76 15.97 14.05
N GLY D 83 10.54 16.23 13.61
CA GLY D 83 10.08 17.60 13.50
C GLY D 83 10.44 18.37 12.25
N ILE D 84 11.26 17.79 11.38
CA ILE D 84 11.61 18.50 10.15
C ILE D 84 10.94 17.81 8.97
N TYR D 85 11.11 16.50 8.87
CA TYR D 85 10.49 15.73 7.78
C TYR D 85 9.43 14.79 8.32
N ARG D 86 8.75 14.10 7.42
CA ARG D 86 7.73 13.15 7.80
C ARG D 86 8.31 11.74 7.88
N HIS D 87 8.21 11.15 9.05
CA HIS D 87 8.75 9.82 9.30
C HIS D 87 7.86 8.68 8.81
N ASP D 88 6.55 8.95 8.75
CA ASP D 88 5.56 7.95 8.35
C ASP D 88 5.76 7.29 7.00
N PHE D 89 6.15 8.06 5.98
CA PHE D 89 6.36 7.44 4.68
C PHE D 89 7.32 6.26 4.80
N VAL D 90 8.38 6.44 5.58
CA VAL D 90 9.36 5.37 5.79
C VAL D 90 8.74 4.29 6.66
N ALA D 91 8.23 4.69 7.82
CA ALA D 91 7.60 3.77 8.74
C ALA D 91 6.74 2.79 7.97
N THR D 92 5.81 3.35 7.19
CA THR D 92 4.90 2.54 6.39
C THR D 92 5.69 1.62 5.49
N ALA D 93 6.60 2.20 4.72
CA ALA D 93 7.45 1.45 3.79
C ALA D 93 8.12 0.28 4.47
N VAL D 94 8.56 0.51 5.70
CA VAL D 94 9.25 -0.51 6.47
C VAL D 94 8.32 -1.51 7.12
N ILE D 95 7.27 -1.04 7.79
CA ILE D 95 6.37 -1.99 8.45
C ILE D 95 5.74 -2.86 7.39
N ASN D 96 5.51 -2.29 6.21
CA ASN D 96 4.94 -3.06 5.09
C ASN D 96 6.05 -3.92 4.52
N GLY D 97 7.22 -3.31 4.34
CA GLY D 97 8.34 -4.03 3.80
C GLY D 97 8.59 -5.36 4.49
N MET D 98 8.61 -5.34 5.82
CA MET D 98 8.82 -6.56 6.58
C MET D 98 7.67 -7.53 6.35
N MET D 99 6.45 -7.02 6.44
CA MET D 99 5.28 -7.86 6.21
C MET D 99 5.40 -8.56 4.87
N GLN D 100 5.80 -7.81 3.85
CA GLN D 100 5.95 -8.33 2.50
C GLN D 100 6.99 -9.43 2.41
N VAL D 101 8.15 -9.17 2.99
CA VAL D 101 9.24 -10.12 2.98
C VAL D 101 8.82 -11.43 3.61
N GLN D 102 8.28 -11.36 4.81
CA GLN D 102 7.88 -12.58 5.49
C GLN D 102 6.79 -13.32 4.74
N LEU D 103 5.94 -12.59 4.02
CA LEU D 103 4.88 -13.24 3.26
C LEU D 103 5.50 -13.95 2.07
N GLU D 104 6.61 -13.38 1.59
CA GLU D 104 7.35 -13.95 0.47
C GLU D 104 8.20 -15.09 0.98
N THR D 105 9.25 -14.73 1.72
CA THR D 105 10.18 -15.69 2.28
C THR D 105 9.54 -16.66 3.25
N GLU D 106 8.28 -16.44 3.59
CA GLU D 106 7.60 -17.32 4.54
C GLU D 106 8.39 -17.58 5.82
N VAL D 107 9.24 -16.61 6.17
CA VAL D 107 10.04 -16.67 7.39
C VAL D 107 9.51 -15.54 8.26
N PRO D 108 9.04 -15.87 9.46
CA PRO D 108 8.50 -14.85 10.37
C PRO D 108 9.45 -13.68 10.57
N VAL D 109 8.91 -12.48 10.48
CA VAL D 109 9.67 -11.26 10.72
C VAL D 109 8.91 -10.47 11.75
N LEU D 110 9.39 -10.52 12.99
CA LEU D 110 8.75 -9.80 14.07
C LEU D 110 9.13 -8.32 13.99
N SER D 111 8.20 -7.45 14.34
CA SER D 111 8.46 -6.04 14.26
C SER D 111 8.70 -5.34 15.58
N VAL D 112 9.85 -4.69 15.67
CA VAL D 112 10.20 -3.92 16.84
C VAL D 112 10.66 -2.61 16.21
N VAL D 113 9.93 -2.24 15.17
CA VAL D 113 10.13 -1.02 14.43
C VAL D 113 9.00 -0.13 14.97
N LEU D 114 9.26 0.48 16.11
CA LEU D 114 8.29 1.34 16.77
C LEU D 114 8.34 2.80 16.32
N THR D 115 7.16 3.41 16.26
CA THR D 115 7.05 4.80 15.89
C THR D 115 6.13 5.40 16.94
N PRO D 116 6.70 6.22 17.84
CA PRO D 116 5.98 6.88 18.94
C PRO D 116 5.14 8.06 18.45
N HIS D 117 4.06 8.37 19.18
CA HIS D 117 3.26 9.53 18.80
C HIS D 117 4.15 10.75 18.90
N HIS D 118 4.96 10.79 19.97
CA HIS D 118 5.87 11.91 20.17
C HIS D 118 7.21 11.50 20.72
N PHE D 119 8.24 12.11 20.18
CA PHE D 119 9.61 11.90 20.64
C PHE D 119 10.41 13.12 20.20
N HIS D 120 10.56 14.06 21.12
CA HIS D 120 11.26 15.31 20.83
C HIS D 120 12.70 15.43 21.28
N GLU D 121 13.42 14.32 21.38
CA GLU D 121 14.82 14.39 21.77
C GLU D 121 14.97 15.15 23.09
N SER D 122 14.24 14.70 24.11
CA SER D 122 14.29 15.33 25.42
C SER D 122 14.57 14.22 26.43
N LYS D 123 15.11 14.59 27.58
CA LYS D 123 15.43 13.62 28.62
C LYS D 123 14.23 12.74 28.92
N GLU D 124 13.12 13.36 29.29
CA GLU D 124 11.91 12.61 29.61
C GLU D 124 11.65 11.62 28.51
N HIS D 125 11.55 12.13 27.29
CA HIS D 125 11.28 11.30 26.11
C HIS D 125 12.32 10.20 25.99
N HIS D 126 13.55 10.61 25.73
CA HIS D 126 14.64 9.68 25.56
C HIS D 126 14.75 8.64 26.67
N ASP D 127 14.45 9.03 27.90
CA ASP D 127 14.55 8.07 29.00
C ASP D 127 13.38 7.11 28.95
N PHE D 128 12.20 7.61 28.60
CA PHE D 128 11.01 6.79 28.55
C PHE D 128 11.14 5.64 27.59
N PHE D 129 11.64 5.93 26.39
CA PHE D 129 11.80 4.91 25.38
C PHE D 129 13.02 4.07 25.57
N HIS D 130 14.04 4.66 26.17
CA HIS D 130 15.26 3.91 26.43
C HIS D 130 14.82 2.77 27.32
N ALA D 131 13.84 3.07 28.16
CA ALA D 131 13.32 2.09 29.09
C ALA D 131 12.26 1.22 28.47
N HIS D 132 11.37 1.82 27.70
CA HIS D 132 10.30 1.01 27.14
C HIS D 132 10.82 -0.05 26.18
N PHE D 133 11.75 0.32 25.32
CA PHE D 133 12.29 -0.64 24.36
C PHE D 133 12.69 -1.95 25.02
N LYS D 134 13.11 -1.87 26.28
CA LYS D 134 13.47 -3.07 26.99
C LYS D 134 12.21 -3.93 27.02
N VAL D 135 11.12 -3.33 27.49
CA VAL D 135 9.85 -4.05 27.55
C VAL D 135 9.51 -4.66 26.20
N LYS D 136 9.52 -3.81 25.18
CA LYS D 136 9.19 -4.23 23.83
C LYS D 136 10.06 -5.41 23.44
N GLY D 137 11.35 -5.34 23.77
CA GLY D 137 12.26 -6.41 23.44
C GLY D 137 11.81 -7.74 24.02
N VAL D 138 11.36 -7.70 25.26
CA VAL D 138 10.90 -8.91 25.94
C VAL D 138 9.67 -9.43 25.23
N GLU D 139 8.85 -8.51 24.77
CA GLU D 139 7.66 -8.90 24.06
C GLU D 139 8.13 -9.61 22.79
N ALA D 140 9.00 -8.94 22.04
CA ALA D 140 9.52 -9.53 20.81
C ALA D 140 10.08 -10.93 21.08
N ALA D 141 10.78 -11.05 22.19
CA ALA D 141 11.37 -12.32 22.58
C ALA D 141 10.31 -13.41 22.59
N HIS D 142 9.31 -13.24 23.45
CA HIS D 142 8.23 -14.20 23.56
C HIS D 142 7.51 -14.45 22.24
N ALA D 143 7.17 -13.37 21.56
CA ALA D 143 6.49 -13.48 20.29
C ALA D 143 7.29 -14.40 19.37
N ALA D 144 8.57 -14.09 19.23
CA ALA D 144 9.45 -14.89 18.37
C ALA D 144 9.32 -16.38 18.68
N LEU D 145 9.50 -16.74 19.95
CA LEU D 145 9.41 -18.14 20.34
C LEU D 145 8.03 -18.68 19.96
N GLN D 146 7.00 -18.06 20.51
CA GLN D 146 5.63 -18.48 20.25
C GLN D 146 5.37 -18.72 18.79
N ILE D 147 5.74 -17.79 17.94
CA ILE D 147 5.48 -17.96 16.54
C ILE D 147 6.26 -19.14 15.99
N VAL D 148 7.58 -19.11 16.15
CA VAL D 148 8.41 -20.20 15.64
C VAL D 148 7.86 -21.54 16.09
N SER D 149 7.54 -21.62 17.37
CA SER D 149 7.00 -22.83 17.97
C SER D 149 5.71 -23.30 17.29
N GLU D 150 4.73 -22.40 17.21
CA GLU D 150 3.46 -22.73 16.60
C GLU D 150 3.59 -23.09 15.14
N ARG D 151 4.48 -22.42 14.43
CA ARG D 151 4.65 -22.75 13.02
C ARG D 151 5.11 -24.20 12.94
N SER D 152 6.01 -24.57 13.85
CA SER D 152 6.54 -25.94 13.90
C SER D 152 5.41 -26.91 14.10
N ARG D 153 4.64 -26.69 15.15
CA ARG D 153 3.51 -27.55 15.44
C ARG D 153 2.67 -27.62 14.17
N ILE D 154 2.40 -26.47 13.57
CA ILE D 154 1.60 -26.38 12.34
C ILE D 154 2.16 -27.22 11.20
N ALA D 155 3.47 -27.09 11.00
CA ALA D 155 4.19 -27.76 9.93
C ALA D 155 3.93 -29.26 9.76
N ALA D 156 3.81 -29.69 8.50
CA ALA D 156 3.55 -31.08 8.15
C ALA D 156 4.70 -31.67 7.32
N THR E 9 -22.38 -28.69 3.51
CA THR E 9 -21.63 -27.54 4.07
C THR E 9 -20.95 -27.89 5.40
N SER E 10 -19.95 -28.77 5.32
CA SER E 10 -19.19 -29.23 6.48
C SER E 10 -17.72 -28.99 6.12
N PHE E 11 -17.13 -27.96 6.72
CA PHE E 11 -15.75 -27.63 6.39
C PHE E 11 -14.99 -27.09 7.59
N LYS E 12 -13.72 -26.76 7.36
CA LYS E 12 -12.89 -26.23 8.44
C LYS E 12 -12.49 -24.78 8.22
N ILE E 13 -12.53 -24.03 9.31
CA ILE E 13 -12.13 -22.64 9.28
C ILE E 13 -10.97 -22.51 10.24
N ALA E 14 -9.96 -21.76 9.82
CA ALA E 14 -8.80 -21.54 10.67
C ALA E 14 -9.05 -20.17 11.33
N PHE E 15 -9.11 -20.16 12.65
CA PHE E 15 -9.33 -18.94 13.40
C PHE E 15 -8.01 -18.53 14.02
N ILE E 16 -7.39 -17.52 13.42
CA ILE E 16 -6.08 -17.05 13.88
C ILE E 16 -6.25 -15.85 14.79
N GLN E 17 -6.10 -16.08 16.09
CA GLN E 17 -6.27 -15.01 17.06
C GLN E 17 -4.96 -14.48 17.63
N ALA E 18 -4.80 -13.16 17.56
CA ALA E 18 -3.63 -12.53 18.12
C ALA E 18 -3.84 -12.58 19.63
N ARG E 19 -2.76 -12.53 20.39
CA ARG E 19 -2.93 -12.61 21.84
C ARG E 19 -2.95 -11.30 22.61
N TRP E 20 -2.72 -10.19 21.93
CA TRP E 20 -2.79 -8.89 22.60
C TRP E 20 -4.27 -8.70 22.89
N HIS E 21 -4.59 -8.22 24.08
CA HIS E 21 -5.98 -8.00 24.45
C HIS E 21 -6.82 -9.27 24.34
N ALA E 22 -6.16 -10.42 24.57
CA ALA E 22 -6.79 -11.73 24.50
C ALA E 22 -8.21 -11.78 25.05
N ASP E 23 -8.40 -11.24 26.25
CA ASP E 23 -9.71 -11.22 26.89
C ASP E 23 -10.79 -10.67 25.97
N ILE E 24 -10.43 -9.65 25.18
CA ILE E 24 -11.36 -9.03 24.23
C ILE E 24 -11.49 -9.96 23.02
N VAL E 25 -10.36 -10.25 22.39
CA VAL E 25 -10.31 -11.12 21.22
C VAL E 25 -11.01 -12.46 21.43
N ASP E 26 -10.77 -13.09 22.57
CA ASP E 26 -11.39 -14.37 22.87
C ASP E 26 -12.90 -14.31 22.72
N GLU E 27 -13.48 -13.18 23.09
CA GLU E 27 -14.92 -13.02 23.01
C GLU E 27 -15.41 -13.18 21.57
N ALA E 28 -14.62 -12.69 20.62
CA ALA E 28 -14.97 -12.78 19.21
C ALA E 28 -14.87 -14.23 18.78
N ARG E 29 -13.84 -14.91 19.25
CA ARG E 29 -13.67 -16.31 18.91
C ARG E 29 -14.81 -17.12 19.49
N LYS E 30 -14.96 -17.10 20.81
CA LYS E 30 -16.01 -17.84 21.47
C LYS E 30 -17.35 -17.64 20.75
N SER E 31 -17.63 -16.39 20.43
CA SER E 31 -18.86 -16.06 19.75
C SER E 31 -18.88 -16.67 18.35
N PHE E 32 -17.80 -16.44 17.61
CA PHE E 32 -17.68 -16.95 16.26
C PHE E 32 -18.00 -18.44 16.23
N VAL E 33 -17.29 -19.17 17.09
CA VAL E 33 -17.46 -20.61 17.17
C VAL E 33 -18.87 -21.00 17.58
N ALA E 34 -19.40 -20.37 18.61
CA ALA E 34 -20.73 -20.70 19.06
C ALA E 34 -21.77 -20.48 17.96
N GLU E 35 -21.62 -19.41 17.17
CA GLU E 35 -22.57 -19.13 16.10
C GLU E 35 -22.55 -20.21 15.03
N LEU E 36 -21.36 -20.56 14.58
CA LEU E 36 -21.22 -21.57 13.56
C LEU E 36 -21.81 -22.86 14.10
N ALA E 37 -21.45 -23.18 15.34
CA ALA E 37 -21.93 -24.38 15.98
C ALA E 37 -23.45 -24.40 15.84
N ALA E 38 -24.08 -23.36 16.38
CA ALA E 38 -25.53 -23.25 16.33
C ALA E 38 -26.06 -23.31 14.91
N LYS E 39 -25.53 -22.46 14.04
CA LYS E 39 -25.99 -22.42 12.67
C LYS E 39 -25.64 -23.66 11.85
N THR E 40 -24.60 -24.39 12.22
CA THR E 40 -24.22 -25.57 11.43
C THR E 40 -24.23 -26.90 12.21
N GLY E 41 -24.92 -26.93 13.33
CA GLY E 41 -24.96 -28.16 14.10
C GLY E 41 -23.60 -28.81 14.32
N GLY E 42 -22.53 -28.03 14.19
CA GLY E 42 -21.19 -28.56 14.40
C GLY E 42 -20.50 -28.94 13.10
N SER E 43 -21.24 -28.90 12.00
CA SER E 43 -20.67 -29.25 10.71
C SER E 43 -19.37 -28.51 10.44
N VAL E 44 -19.34 -27.23 10.82
CA VAL E 44 -18.14 -26.45 10.61
C VAL E 44 -17.19 -26.57 11.79
N GLU E 45 -15.99 -27.04 11.49
CA GLU E 45 -14.95 -27.21 12.49
C GLU E 45 -14.10 -25.96 12.42
N VAL E 46 -13.95 -25.30 13.56
CA VAL E 46 -13.14 -24.09 13.62
C VAL E 46 -11.88 -24.38 14.43
N GLU E 47 -10.75 -24.47 13.76
CA GLU E 47 -9.49 -24.74 14.45
C GLU E 47 -8.86 -23.43 14.89
N ILE E 48 -8.62 -23.31 16.19
CA ILE E 48 -8.04 -22.12 16.76
C ILE E 48 -6.52 -22.09 16.70
N PHE E 49 -5.96 -20.97 16.28
CA PHE E 49 -4.51 -20.83 16.20
C PHE E 49 -4.08 -19.55 16.90
N ASP E 50 -3.39 -19.70 18.02
CA ASP E 50 -2.92 -18.54 18.75
C ASP E 50 -1.75 -17.92 18.00
N VAL E 51 -1.51 -16.65 18.28
CA VAL E 51 -0.44 -15.92 17.63
C VAL E 51 -0.09 -14.74 18.52
N PRO E 52 1.20 -14.37 18.59
CA PRO E 52 1.66 -13.24 19.42
C PRO E 52 0.74 -12.04 19.28
N GLY E 53 0.81 -11.40 18.11
CA GLY E 53 -0.01 -10.25 17.84
C GLY E 53 -0.46 -10.17 16.39
N ALA E 54 -1.31 -9.20 16.11
CA ALA E 54 -1.86 -9.00 14.77
C ALA E 54 -0.85 -9.10 13.63
N TYR E 55 0.33 -8.55 13.82
CA TYR E 55 1.36 -8.56 12.78
C TYR E 55 1.73 -9.96 12.33
N GLU E 56 1.48 -10.92 13.22
CA GLU E 56 1.75 -12.33 12.98
C GLU E 56 0.65 -13.08 12.22
N ILE E 57 -0.53 -12.48 12.08
CA ILE E 57 -1.66 -13.11 11.40
C ILE E 57 -1.50 -13.39 9.91
N PRO E 58 -1.04 -12.41 9.14
CA PRO E 58 -0.89 -12.64 7.70
C PRO E 58 -0.15 -13.92 7.30
N LEU E 59 1.14 -14.01 7.67
CA LEU E 59 1.96 -15.17 7.34
C LEU E 59 1.27 -16.42 7.84
N HIS E 60 0.86 -16.41 9.10
CA HIS E 60 0.19 -17.55 9.67
C HIS E 60 -0.97 -17.98 8.77
N ALA E 61 -1.78 -17.02 8.35
CA ALA E 61 -2.91 -17.32 7.47
C ALA E 61 -2.40 -17.88 6.16
N LYS E 62 -1.34 -17.31 5.60
CA LYS E 62 -0.81 -17.83 4.34
C LYS E 62 -0.43 -19.28 4.56
N THR E 63 0.47 -19.49 5.52
CA THR E 63 0.93 -20.84 5.86
C THR E 63 -0.24 -21.80 6.04
N LEU E 64 -1.23 -21.39 6.83
CA LEU E 64 -2.41 -22.22 7.08
C LEU E 64 -3.30 -22.39 5.87
N ALA E 65 -3.44 -21.31 5.11
CA ALA E 65 -4.29 -21.36 3.94
C ALA E 65 -3.76 -22.38 2.95
N ARG E 66 -2.51 -22.20 2.56
CA ARG E 66 -1.88 -23.09 1.61
C ARG E 66 -1.99 -24.57 1.93
N THR E 67 -2.22 -24.92 3.19
CA THR E 67 -2.35 -26.33 3.52
C THR E 67 -3.58 -26.84 2.80
N GLY E 68 -4.49 -25.92 2.49
CA GLY E 68 -5.72 -26.25 1.79
C GLY E 68 -6.71 -26.92 2.71
N ARG E 69 -6.29 -27.11 3.95
CA ARG E 69 -7.10 -27.75 4.98
C ARG E 69 -8.35 -26.95 5.34
N TYR E 70 -8.36 -25.65 5.03
CA TYR E 70 -9.48 -24.80 5.40
C TYR E 70 -10.24 -24.11 4.28
N ALA E 71 -11.55 -24.04 4.46
CA ALA E 71 -12.45 -23.42 3.48
C ALA E 71 -12.39 -21.91 3.63
N ALA E 72 -11.98 -21.47 4.81
CA ALA E 72 -11.89 -20.05 5.09
C ALA E 72 -11.04 -19.85 6.31
N ILE E 73 -10.36 -18.71 6.37
CA ILE E 73 -9.51 -18.35 7.49
C ILE E 73 -9.99 -17.05 8.13
N VAL E 74 -9.90 -16.96 9.45
CA VAL E 74 -10.32 -15.77 10.14
C VAL E 74 -9.15 -15.16 10.92
N GLY E 75 -8.93 -13.87 10.71
CA GLY E 75 -7.88 -13.17 11.42
C GLY E 75 -8.60 -12.39 12.49
N ALA E 76 -8.25 -12.63 13.74
CA ALA E 76 -8.89 -11.95 14.85
C ALA E 76 -7.86 -11.24 15.72
N ALA E 77 -8.06 -9.95 15.89
CA ALA E 77 -7.15 -9.15 16.71
C ALA E 77 -7.79 -7.83 17.07
N PHE E 78 -7.27 -7.25 18.14
CA PHE E 78 -7.72 -5.94 18.58
C PHE E 78 -6.44 -5.13 18.44
N VAL E 79 -6.38 -4.32 17.40
CA VAL E 79 -5.19 -3.51 17.20
C VAL E 79 -5.57 -2.11 17.62
N ILE E 80 -5.02 -1.68 18.74
CA ILE E 80 -5.37 -0.38 19.27
C ILE E 80 -4.22 0.60 19.45
N ASP E 81 -4.61 1.86 19.58
CA ASP E 81 -3.66 2.95 19.80
C ASP E 81 -3.48 3.03 21.32
N GLY E 82 -2.34 2.57 21.81
CA GLY E 82 -2.08 2.60 23.24
C GLY E 82 -1.52 3.92 23.75
N GLY E 83 -1.64 4.97 22.96
CA GLY E 83 -1.15 6.26 23.41
C GLY E 83 0.35 6.41 23.48
N ILE E 84 1.10 5.37 23.19
CA ILE E 84 2.55 5.51 23.19
C ILE E 84 3.03 5.54 21.75
N TYR E 85 2.92 4.40 21.06
CA TYR E 85 3.35 4.33 19.67
C TYR E 85 2.14 4.37 18.75
N ARG E 86 2.41 4.52 17.45
CA ARG E 86 1.34 4.53 16.47
C ARG E 86 0.96 3.08 16.15
N HIS E 87 -0.33 2.83 16.09
CA HIS E 87 -0.82 1.48 15.84
C HIS E 87 -1.25 1.29 14.38
N ASP E 88 -1.69 2.37 13.76
CA ASP E 88 -2.18 2.32 12.39
C ASP E 88 -1.25 1.60 11.44
N PHE E 89 0.05 1.74 11.63
CA PHE E 89 1.00 1.06 10.75
C PHE E 89 0.77 -0.43 10.72
N VAL E 90 0.93 -1.09 11.86
CA VAL E 90 0.69 -2.51 11.92
C VAL E 90 -0.73 -2.80 11.47
N ALA E 91 -1.69 -2.03 11.97
CA ALA E 91 -3.10 -2.22 11.59
C ALA E 91 -3.17 -2.34 10.08
N THR E 92 -2.62 -1.36 9.39
CA THR E 92 -2.60 -1.37 7.94
C THR E 92 -1.94 -2.65 7.40
N ALA E 93 -0.68 -2.85 7.79
CA ALA E 93 0.10 -3.99 7.35
C ALA E 93 -0.68 -5.30 7.42
N VAL E 94 -1.43 -5.47 8.51
CA VAL E 94 -2.22 -6.65 8.76
C VAL E 94 -3.49 -6.69 7.92
N ILE E 95 -4.26 -5.62 7.93
CA ILE E 95 -5.47 -5.63 7.14
C ILE E 95 -5.12 -5.84 5.68
N ASN E 96 -4.04 -5.21 5.24
CA ASN E 96 -3.61 -5.38 3.86
C ASN E 96 -3.08 -6.80 3.75
N GLY E 97 -2.25 -7.17 4.73
CA GLY E 97 -1.67 -8.50 4.74
C GLY E 97 -2.66 -9.61 4.45
N MET E 98 -3.72 -9.67 5.26
CA MET E 98 -4.74 -10.67 5.09
C MET E 98 -5.32 -10.61 3.69
N MET E 99 -5.61 -9.41 3.21
CA MET E 99 -6.14 -9.23 1.88
C MET E 99 -5.16 -9.84 0.86
N GLN E 100 -3.90 -9.42 0.93
CA GLN E 100 -2.87 -9.94 0.03
C GLN E 100 -2.92 -11.48 0.06
N VAL E 101 -2.70 -12.02 1.25
CA VAL E 101 -2.70 -13.46 1.42
C VAL E 101 -3.87 -14.14 0.74
N GLN E 102 -5.10 -13.80 1.15
CA GLN E 102 -6.26 -14.44 0.54
C GLN E 102 -6.27 -14.32 -1.00
N LEU E 103 -5.79 -13.20 -1.54
CA LEU E 103 -5.76 -13.04 -2.98
C LEU E 103 -4.77 -14.02 -3.62
N GLU E 104 -3.68 -14.33 -2.92
CA GLU E 104 -2.69 -15.27 -3.44
C GLU E 104 -3.20 -16.68 -3.30
N THR E 105 -3.50 -17.06 -2.07
CA THR E 105 -3.98 -18.38 -1.73
C THR E 105 -5.37 -18.69 -2.25
N GLU E 106 -6.08 -17.67 -2.73
CA GLU E 106 -7.42 -17.91 -3.22
C GLU E 106 -8.28 -18.47 -2.10
N VAL E 107 -7.86 -18.26 -0.86
CA VAL E 107 -8.64 -18.76 0.27
C VAL E 107 -9.20 -17.61 1.11
N PRO E 108 -10.53 -17.55 1.27
CA PRO E 108 -11.20 -16.51 2.03
C PRO E 108 -10.62 -16.26 3.40
N VAL E 109 -10.18 -15.02 3.62
CA VAL E 109 -9.65 -14.62 4.92
C VAL E 109 -10.60 -13.55 5.44
N LEU E 110 -11.35 -13.87 6.48
CA LEU E 110 -12.27 -12.91 7.06
C LEU E 110 -11.52 -12.09 8.08
N SER E 111 -11.84 -10.81 8.17
CA SER E 111 -11.14 -9.96 9.13
C SER E 111 -11.93 -9.58 10.37
N VAL E 112 -11.38 -9.97 11.51
CA VAL E 112 -11.96 -9.64 12.80
C VAL E 112 -10.78 -9.02 13.52
N VAL E 113 -10.02 -8.27 12.72
CA VAL E 113 -8.85 -7.54 13.19
C VAL E 113 -9.38 -6.10 13.27
N LEU E 114 -9.92 -5.78 14.44
CA LEU E 114 -10.53 -4.48 14.69
C LEU E 114 -9.67 -3.41 15.33
N THR E 115 -9.91 -2.17 14.92
CA THR E 115 -9.18 -1.03 15.43
C THR E 115 -10.16 0.08 15.82
N PRO E 116 -10.38 0.26 17.12
CA PRO E 116 -11.31 1.27 17.62
C PRO E 116 -10.70 2.67 17.64
N HIS E 117 -11.54 3.68 17.39
CA HIS E 117 -11.06 5.04 17.40
C HIS E 117 -10.45 5.30 18.78
N HIS E 118 -11.03 4.67 19.80
CA HIS E 118 -10.55 4.86 21.16
C HIS E 118 -10.67 3.66 22.08
N PHE E 119 -9.55 3.30 22.70
CA PHE E 119 -9.50 2.23 23.68
C PHE E 119 -8.43 2.65 24.67
N HIS E 120 -8.87 3.15 25.81
CA HIS E 120 -7.94 3.63 26.82
C HIS E 120 -7.73 2.72 28.02
N GLU E 121 -8.02 1.44 27.88
CA GLU E 121 -7.81 0.56 29.02
C GLU E 121 -8.52 1.02 30.29
N SER E 122 -9.83 1.20 30.18
CA SER E 122 -10.65 1.61 31.30
C SER E 122 -11.77 0.59 31.38
N LYS E 123 -12.44 0.53 32.52
CA LYS E 123 -13.54 -0.42 32.67
C LYS E 123 -14.48 -0.24 31.48
N GLU E 124 -14.90 1.00 31.27
CA GLU E 124 -15.82 1.29 30.18
C GLU E 124 -15.37 0.74 28.85
N HIS E 125 -14.19 1.13 28.40
CA HIS E 125 -13.69 0.66 27.12
C HIS E 125 -13.61 -0.86 27.05
N HIS E 126 -12.98 -1.45 28.05
CA HIS E 126 -12.83 -2.90 28.09
C HIS E 126 -14.19 -3.58 28.13
N ASP E 127 -15.04 -3.12 29.02
CA ASP E 127 -16.36 -3.73 29.11
C ASP E 127 -17.06 -3.61 27.77
N PHE E 128 -16.91 -2.46 27.12
CA PHE E 128 -17.56 -2.26 25.83
C PHE E 128 -17.15 -3.26 24.76
N PHE E 129 -15.86 -3.33 24.51
CA PHE E 129 -15.38 -4.22 23.47
C PHE E 129 -15.44 -5.70 23.81
N HIS E 130 -15.31 -6.03 25.08
CA HIS E 130 -15.40 -7.42 25.50
C HIS E 130 -16.78 -7.85 25.05
N ALA E 131 -17.73 -6.95 25.20
CA ALA E 131 -19.09 -7.24 24.82
C ALA E 131 -19.28 -7.16 23.32
N HIS E 132 -18.74 -6.12 22.71
CA HIS E 132 -18.95 -5.96 21.28
C HIS E 132 -18.33 -7.06 20.46
N PHE E 133 -17.09 -7.43 20.77
CA PHE E 133 -16.42 -8.47 20.00
C PHE E 133 -17.30 -9.70 19.84
N LYS E 134 -18.19 -9.93 20.79
CA LYS E 134 -19.09 -11.06 20.70
C LYS E 134 -19.96 -10.85 19.47
N VAL E 135 -20.43 -9.62 19.29
CA VAL E 135 -21.26 -9.31 18.14
C VAL E 135 -20.48 -9.53 16.84
N LYS E 136 -19.26 -8.99 16.82
CA LYS E 136 -18.37 -9.10 15.67
C LYS E 136 -18.12 -10.57 15.35
N GLY E 137 -17.92 -11.37 16.40
CA GLY E 137 -17.69 -12.79 16.21
C GLY E 137 -18.86 -13.37 15.45
N VAL E 138 -20.07 -13.11 15.95
CA VAL E 138 -21.27 -13.60 15.30
C VAL E 138 -21.28 -13.12 13.86
N GLU E 139 -20.87 -11.88 13.64
CA GLU E 139 -20.85 -11.33 12.29
C GLU E 139 -19.89 -12.15 11.43
N ALA E 140 -18.68 -12.36 11.94
CA ALA E 140 -17.67 -13.12 11.22
C ALA E 140 -18.18 -14.53 10.91
N ALA E 141 -18.96 -15.07 11.82
CA ALA E 141 -19.52 -16.39 11.62
C ALA E 141 -20.39 -16.37 10.38
N HIS E 142 -21.41 -15.52 10.39
CA HIS E 142 -22.31 -15.45 9.25
C HIS E 142 -21.57 -15.09 7.98
N ALA E 143 -20.53 -14.30 8.10
CA ALA E 143 -19.75 -13.90 6.93
C ALA E 143 -19.05 -15.12 6.35
N ALA E 144 -18.35 -15.85 7.22
CA ALA E 144 -17.61 -17.04 6.82
C ALA E 144 -18.59 -17.98 6.11
N LEU E 145 -19.68 -18.30 6.78
CA LEU E 145 -20.68 -19.18 6.20
C LEU E 145 -21.05 -18.66 4.81
N GLN E 146 -21.57 -17.44 4.76
CA GLN E 146 -21.96 -16.84 3.51
C GLN E 146 -20.90 -16.91 2.43
N ILE E 147 -19.69 -16.44 2.74
CA ILE E 147 -18.65 -16.44 1.72
C ILE E 147 -18.27 -17.83 1.22
N VAL E 148 -18.04 -18.77 2.15
CA VAL E 148 -17.68 -20.11 1.75
C VAL E 148 -18.80 -20.68 0.86
N SER E 149 -20.04 -20.38 1.25
CA SER E 149 -21.20 -20.82 0.50
C SER E 149 -21.25 -20.22 -0.90
N GLU E 150 -21.08 -18.91 -0.97
CA GLU E 150 -21.13 -18.25 -2.25
C GLU E 150 -20.03 -18.73 -3.19
N ARG E 151 -18.83 -18.88 -2.67
CA ARG E 151 -17.72 -19.31 -3.52
C ARG E 151 -18.06 -20.63 -4.18
N SER E 152 -18.29 -21.65 -3.35
CA SER E 152 -18.62 -22.96 -3.87
C SER E 152 -19.73 -22.86 -4.92
N ARG E 153 -20.66 -21.94 -4.72
CA ARG E 153 -21.75 -21.76 -5.68
C ARG E 153 -21.24 -21.31 -7.05
N ILE E 154 -20.51 -20.20 -7.08
CA ILE E 154 -19.99 -19.69 -8.34
C ILE E 154 -18.97 -20.67 -8.93
N ALA E 155 -18.58 -21.66 -8.15
CA ALA E 155 -17.63 -22.67 -8.60
C ALA E 155 -18.37 -23.66 -9.48
N ALA E 156 -19.66 -23.83 -9.18
CA ALA E 156 -20.54 -24.75 -9.91
C ALA E 156 -21.40 -24.00 -10.94
P PO4 F . -17.27 1.28 13.01
O1 PO4 F . -16.01 0.65 12.58
O2 PO4 F . -18.22 1.27 11.86
O3 PO4 F . -17.03 2.67 13.45
O4 PO4 F . -17.86 0.50 14.13
N1 INI G . -18.19 -4.07 5.31
C2 INI G . -18.83 -3.19 4.43
O2 INI G . -19.17 -3.67 3.34
N3 INI G . -19.02 -1.90 4.85
C4 INI G . -18.62 -1.38 6.08
O4 INI G . -18.91 -0.18 6.24
C5 INI G . -17.90 -2.36 7.07
N5 INI G . -17.48 -1.83 8.36
O51 INI G . -17.67 -0.69 8.65
O52 INI G . -16.92 -2.56 9.15
C6 INI G . -17.71 -3.77 6.60
N7 INI G . -17.11 -4.85 7.29
C8 INI G . -15.73 -5.20 6.84
C9 INI G . -15.60 -6.48 5.91
O9 INI G . -16.31 -6.10 4.75
C10 INI G . -16.25 -7.91 6.30
O10 INI G . -17.62 -7.79 6.50
C11 INI G . -15.69 -8.78 7.63
O11 INI G . -14.63 -7.89 8.09
C12 INI G . -14.87 -10.14 7.63
O12 INI G . -13.94 -10.02 6.61
P PO4 H . -16.85 13.33 -3.07
O1 PO4 H . -17.84 14.11 -3.86
O2 PO4 H . -17.28 11.92 -2.99
O3 PO4 H . -16.73 13.90 -1.71
O4 PO4 H . -15.51 13.38 -3.74
N1 INI I . -12.57 9.83 -10.94
C2 INI I . -11.68 10.87 -11.14
O2 INI I . -10.96 10.76 -12.13
N3 INI I . -11.67 11.88 -10.23
C4 INI I . -12.49 11.97 -9.11
O4 INI I . -12.30 13.00 -8.42
C5 INI I . -13.50 10.79 -8.89
N5 INI I . -14.37 10.85 -7.72
O51 INI I . -14.31 11.76 -6.96
O52 INI I . -15.16 9.95 -7.52
C6 INI I . -13.49 9.72 -9.88
N7 INI I . -14.31 8.56 -9.91
C8 INI I . -13.70 7.36 -9.29
C9 INI I . -13.21 6.27 -10.30
O9 INI I . -12.41 7.00 -11.20
C10 INI I . -14.25 5.49 -11.28
O10 INI I . -14.99 6.39 -12.03
C11 INI I . -15.41 4.46 -10.61
O11 INI I . -15.08 4.57 -9.19
C12 INI I . -15.40 2.88 -10.70
O12 INI I . -14.68 2.56 -11.84
P PO4 J . 1.34 20.97 -4.18
O1 PO4 J . 1.03 21.03 -2.73
O2 PO4 J . 2.81 20.89 -4.37
O3 PO4 J . 0.83 22.18 -4.85
O4 PO4 J . 0.72 19.76 -4.77
N1 INI K . 8.14 15.72 -8.00
C2 INI K . 9.08 15.95 -7.02
O2 INI K . 10.19 15.43 -7.20
N3 INI K . 8.70 16.72 -5.94
C4 INI K . 7.45 17.28 -5.76
O4 INI K . 7.32 17.95 -4.69
C5 INI K . 6.36 17.02 -6.87
N5 INI K . 5.03 17.61 -6.68
O51 INI K . 4.78 18.27 -5.71
O52 INI K . 4.17 17.43 -7.53
C6 INI K . 6.81 16.19 -8.03
N7 INI K . 6.05 15.81 -9.18
C8 INI K . 5.50 14.43 -9.14
C9 INI K . 6.22 13.39 -10.11
O9 INI K . 7.52 13.31 -9.59
C10 INI K . 6.47 13.71 -11.66
O10 INI K . 7.21 14.86 -11.80
C11 INI K . 5.16 13.88 -12.72
O11 INI K . 4.03 13.63 -11.82
C12 INI K . 4.75 12.91 -13.90
O12 INI K . 5.00 11.63 -13.43
P PO4 L . 12.75 14.68 10.80
O1 PO4 L . 13.34 13.68 11.71
O2 PO4 L . 13.65 15.87 10.72
O3 PO4 L . 11.43 15.11 11.30
O4 PO4 L . 12.60 14.09 9.45
N1 INI M . 15.62 5.64 10.25
C2 INI M . 15.14 5.21 11.48
O2 INI M . 15.45 4.07 11.80
N3 INI M . 14.39 6.10 12.20
C4 INI M . 14.06 7.40 11.81
O4 INI M . 13.36 8.03 12.64
C5 INI M . 14.60 7.88 10.42
N5 INI M . 14.27 9.24 10.00
O51 INI M . 13.60 9.96 10.68
O52 INI M . 14.68 9.65 8.92
C6 INI M . 15.42 6.90 9.66
N7 INI M . 16.04 7.06 8.39
C8 INI M . 15.26 6.54 7.24
C9 INI M . 15.91 5.32 6.50
O9 INI M . 15.90 4.31 7.49
C10 INI M . 17.45 5.36 5.99
O10 INI M . 18.31 5.62 7.06
C11 INI M . 17.92 6.44 4.77
O11 INI M . 16.63 7.10 4.47
C12 INI M . 18.34 6.09 3.27
O12 INI M . 17.85 4.80 3.02
P PO4 N . 0.79 2.20 21.62
O1 PO4 N . 0.81 1.77 23.05
O2 PO4 N . 0.45 3.64 21.56
O3 PO4 N . -0.24 1.42 20.88
O4 PO4 N . 2.10 1.97 21.01
N1 INI O . -0.66 -6.60 18.38
C2 INI O . -2.04 -6.71 18.46
O2 INI O . -2.49 -7.81 18.20
N3 INI O . -2.74 -5.58 18.81
C4 INI O . -2.18 -4.34 19.08
O4 INI O . -3.03 -3.44 19.38
C5 INI O . -0.61 -4.23 18.99
N5 INI O . 0.00 -2.95 19.27
O51 INI O . -0.66 -2.00 19.55
O52 INI O . 1.21 -2.85 19.20
C6 INI O . 0.11 -5.45 18.62
N7 INI O . 1.51 -5.64 18.48
C8 INI O . 1.99 -5.63 17.07
C9 INI O . 2.34 -7.04 16.48
O9 INI O . 1.12 -7.72 16.53
C10 INI O . 3.38 -8.03 17.23
O10 INI O . 2.96 -8.27 18.53
C11 INI O . 4.99 -7.59 17.37
O11 INI O . 4.98 -6.32 16.66
C12 INI O . 6.24 -8.24 16.61
O12 INI O . 5.77 -8.56 15.33
#